data_2EL6
#
_entry.id   2EL6
#
loop_
_entity.id
_entity.type
_entity.pdbx_description
1 polymer 'Zinc finger protein 268'
2 non-polymer 'ZINC ION'
#
_entity_poly.entity_id   1
_entity_poly.type   'polypeptide(L)'
_entity_poly.pdbx_seq_one_letter_code
;GSSGSSGAGVNPYKCSQCEKSFSGKLRLLVHQRMHTREKPSGPSSG
;
_entity_poly.pdbx_strand_id   A
#
# COMPACT_ATOMS: atom_id res chain seq x y z
N GLY A 1 11.07 14.23 14.61
CA GLY A 1 11.52 15.22 13.64
C GLY A 1 12.38 14.60 12.56
N SER A 2 12.31 15.16 11.35
CA SER A 2 13.08 14.65 10.23
C SER A 2 13.89 15.77 9.58
N SER A 3 15.17 15.52 9.38
CA SER A 3 16.07 16.50 8.77
C SER A 3 15.97 16.46 7.24
N GLY A 4 15.14 17.34 6.68
CA GLY A 4 14.97 17.37 5.24
C GLY A 4 13.62 16.85 4.80
N SER A 5 12.69 17.76 4.51
CA SER A 5 11.36 17.38 4.08
C SER A 5 10.95 18.15 2.83
N SER A 6 11.22 17.56 1.68
CA SER A 6 10.88 18.19 0.40
C SER A 6 9.80 17.40 -0.32
N GLY A 7 8.65 18.05 -0.54
CA GLY A 7 7.55 17.40 -1.22
C GLY A 7 6.93 16.29 -0.39
N ALA A 8 6.91 16.48 0.92
CA ALA A 8 6.34 15.49 1.82
C ALA A 8 4.82 15.46 1.71
N GLY A 9 4.31 14.52 0.92
CA GLY A 9 2.87 14.40 0.74
C GLY A 9 2.12 14.58 2.04
N VAL A 10 0.89 15.11 1.95
CA VAL A 10 0.07 15.33 3.13
C VAL A 10 -1.24 14.55 3.02
N ASN A 11 -1.19 13.26 3.34
CA ASN A 11 -2.36 12.41 3.28
C ASN A 11 -2.68 11.81 4.65
N PRO A 12 -3.97 11.69 4.97
CA PRO A 12 -4.42 11.14 6.25
C PRO A 12 -4.17 9.65 6.35
N TYR A 13 -4.06 8.98 5.22
CA TYR A 13 -3.82 7.55 5.17
C TYR A 13 -2.76 7.19 4.13
N LYS A 14 -1.72 6.49 4.57
CA LYS A 14 -0.64 6.09 3.68
C LYS A 14 -0.44 4.58 3.71
N CYS A 15 -0.53 3.95 2.55
CA CYS A 15 -0.35 2.50 2.44
C CYS A 15 0.99 2.08 3.01
N SER A 16 0.95 1.15 3.96
CA SER A 16 2.17 0.66 4.60
C SER A 16 2.93 -0.26 3.65
N GLN A 17 2.20 -0.93 2.77
CA GLN A 17 2.82 -1.84 1.81
C GLN A 17 3.74 -1.09 0.84
N CYS A 18 3.16 -0.16 0.08
CA CYS A 18 3.93 0.62 -0.88
C CYS A 18 3.85 2.11 -0.54
N GLU A 19 4.43 2.93 -1.40
CA GLU A 19 4.43 4.38 -1.20
C GLU A 19 3.13 5.00 -1.67
N LYS A 20 2.02 4.31 -1.41
CA LYS A 20 0.70 4.78 -1.81
C LYS A 20 0.01 5.50 -0.65
N SER A 21 -0.95 6.36 -0.98
CA SER A 21 -1.68 7.11 0.03
C SER A 21 -3.07 7.51 -0.48
N PHE A 22 -3.96 7.82 0.44
CA PHE A 22 -5.32 8.22 0.08
C PHE A 22 -5.91 9.16 1.13
N SER A 23 -6.88 9.97 0.72
CA SER A 23 -7.52 10.92 1.63
C SER A 23 -8.68 10.25 2.37
N GLY A 24 -8.92 8.99 2.07
CA GLY A 24 -9.99 8.26 2.72
C GLY A 24 -9.52 6.94 3.32
N LYS A 25 -9.84 6.74 4.59
CA LYS A 25 -9.44 5.51 5.28
C LYS A 25 -9.79 4.28 4.45
N LEU A 26 -11.01 4.23 3.95
CA LEU A 26 -11.46 3.11 3.13
C LEU A 26 -10.54 2.90 1.95
N ARG A 27 -10.54 3.86 1.02
CA ARG A 27 -9.69 3.78 -0.16
C ARG A 27 -8.40 3.01 0.13
N LEU A 28 -7.79 3.34 1.26
CA LEU A 28 -6.55 2.68 1.66
C LEU A 28 -6.75 1.18 1.85
N LEU A 29 -7.57 0.82 2.83
CA LEU A 29 -7.86 -0.58 3.11
C LEU A 29 -8.07 -1.36 1.82
N VAL A 30 -9.10 -0.97 1.07
CA VAL A 30 -9.42 -1.63 -0.19
C VAL A 30 -8.18 -1.75 -1.07
N HIS A 31 -7.31 -0.76 -0.98
CA HIS A 31 -6.08 -0.76 -1.78
C HIS A 31 -5.03 -1.68 -1.16
N GLN A 32 -5.05 -1.80 0.16
CA GLN A 32 -4.11 -2.65 0.86
C GLN A 32 -4.40 -4.13 0.60
N ARG A 33 -5.61 -4.41 0.14
CA ARG A 33 -6.01 -5.78 -0.16
C ARG A 33 -5.21 -6.35 -1.32
N MET A 34 -4.87 -5.48 -2.27
CA MET A 34 -4.11 -5.90 -3.45
C MET A 34 -2.81 -6.59 -3.03
N HIS A 35 -2.26 -6.16 -1.90
CA HIS A 35 -1.01 -6.72 -1.39
C HIS A 35 -1.28 -8.00 -0.60
N THR A 36 -2.10 -8.88 -1.16
CA THR A 36 -2.45 -10.13 -0.50
C THR A 36 -1.91 -11.33 -1.29
N ARG A 37 -1.62 -12.41 -0.58
CA ARG A 37 -1.11 -13.62 -1.21
C ARG A 37 -1.77 -14.86 -0.63
N GLU A 38 -2.48 -15.61 -1.48
CA GLU A 38 -3.15 -16.82 -1.05
C GLU A 38 -2.21 -18.02 -1.11
N LYS A 39 -1.56 -18.19 -2.25
CA LYS A 39 -0.63 -19.30 -2.45
C LYS A 39 0.79 -18.80 -2.63
N PRO A 40 1.77 -19.62 -2.22
CA PRO A 40 3.19 -19.27 -2.33
C PRO A 40 3.68 -19.26 -3.78
N SER A 41 3.39 -18.17 -4.48
CA SER A 41 3.79 -18.02 -5.88
C SER A 41 5.26 -18.39 -6.06
N GLY A 42 6.14 -17.50 -5.62
CA GLY A 42 7.57 -17.75 -5.75
C GLY A 42 8.23 -18.03 -4.41
N PRO A 43 9.48 -18.52 -4.46
CA PRO A 43 10.25 -18.84 -3.25
C PRO A 43 10.65 -17.58 -2.48
N SER A 44 11.16 -17.78 -1.27
CA SER A 44 11.59 -16.67 -0.42
C SER A 44 12.89 -16.06 -0.94
N SER A 45 12.93 -14.74 -1.01
CA SER A 45 14.10 -14.03 -1.50
C SER A 45 14.27 -12.68 -0.80
N GLY A 46 15.46 -12.10 -0.92
CA GLY A 46 15.71 -10.82 -0.28
C GLY A 46 17.06 -10.78 0.41
N GLY A 1 5.00 1.73 -8.90
CA GLY A 1 4.92 2.43 -10.17
C GLY A 1 6.14 3.28 -10.44
N SER A 2 6.33 4.32 -9.62
CA SER A 2 7.46 5.21 -9.77
C SER A 2 7.46 5.85 -11.16
N SER A 3 6.29 6.25 -11.62
CA SER A 3 6.15 6.88 -12.93
C SER A 3 6.16 8.39 -12.82
N GLY A 4 7.35 8.97 -12.74
CA GLY A 4 7.48 10.41 -12.63
C GLY A 4 6.76 10.96 -11.41
N SER A 5 7.53 11.34 -10.40
CA SER A 5 6.97 11.89 -9.17
C SER A 5 7.87 12.97 -8.59
N SER A 6 7.31 14.16 -8.41
CA SER A 6 8.07 15.29 -7.86
C SER A 6 7.25 16.02 -6.80
N GLY A 7 7.74 15.98 -5.56
CA GLY A 7 7.04 16.64 -4.47
C GLY A 7 6.23 15.68 -3.62
N ALA A 8 6.17 15.94 -2.32
CA ALA A 8 5.42 15.08 -1.40
C ALA A 8 4.39 15.90 -0.62
N GLY A 9 3.13 15.45 -0.67
CA GLY A 9 2.08 16.15 0.04
C GLY A 9 1.79 15.52 1.40
N VAL A 10 0.53 15.65 1.83
CA VAL A 10 0.12 15.09 3.11
C VAL A 10 -1.22 14.37 3.00
N ASN A 11 -1.29 13.15 3.50
CA ASN A 11 -2.51 12.37 3.45
C ASN A 11 -2.81 11.72 4.81
N PRO A 12 -4.10 11.62 5.15
CA PRO A 12 -4.54 11.04 6.41
C PRO A 12 -4.32 9.53 6.46
N TYR A 13 -4.16 8.92 5.29
CA TYR A 13 -3.94 7.48 5.20
C TYR A 13 -2.90 7.16 4.13
N LYS A 14 -1.84 6.47 4.54
CA LYS A 14 -0.78 6.08 3.62
C LYS A 14 -0.52 4.58 3.67
N CYS A 15 -0.58 3.94 2.50
CA CYS A 15 -0.36 2.50 2.42
C CYS A 15 1.02 2.13 2.97
N SER A 16 1.02 1.32 4.03
CA SER A 16 2.27 0.89 4.65
C SER A 16 3.04 -0.04 3.73
N GLN A 17 2.32 -0.78 2.89
CA GLN A 17 2.95 -1.70 1.96
C GLN A 17 3.86 -0.97 0.98
N CYS A 18 3.27 -0.12 0.15
CA CYS A 18 4.03 0.64 -0.83
C CYS A 18 3.99 2.13 -0.51
N GLU A 19 4.55 2.94 -1.41
CA GLU A 19 4.56 4.38 -1.23
C GLU A 19 3.25 5.02 -1.69
N LYS A 20 2.16 4.26 -1.56
CA LYS A 20 0.84 4.73 -1.97
C LYS A 20 0.17 5.49 -0.83
N SER A 21 -0.88 6.24 -1.16
CA SER A 21 -1.61 7.01 -0.17
C SER A 21 -3.01 7.37 -0.67
N PHE A 22 -3.90 7.69 0.26
CA PHE A 22 -5.27 8.06 -0.10
C PHE A 22 -5.86 9.00 0.94
N SER A 23 -6.79 9.85 0.50
CA SER A 23 -7.43 10.80 1.39
C SER A 23 -8.69 10.20 2.00
N GLY A 24 -8.64 8.90 2.29
CA GLY A 24 -9.79 8.24 2.87
C GLY A 24 -9.43 6.88 3.46
N LYS A 25 -9.71 6.69 4.74
CA LYS A 25 -9.42 5.44 5.42
C LYS A 25 -9.77 4.25 4.53
N LEU A 26 -11.00 4.23 4.03
CA LEU A 26 -11.46 3.15 3.16
C LEU A 26 -10.50 2.95 1.98
N ARG A 27 -10.45 3.93 1.09
CA ARG A 27 -9.59 3.86 -0.07
C ARG A 27 -8.32 3.07 0.24
N LEU A 28 -7.70 3.37 1.38
CA LEU A 28 -6.48 2.69 1.79
C LEU A 28 -6.73 1.19 1.93
N LEU A 29 -7.62 0.82 2.85
CA LEU A 29 -7.94 -0.58 3.08
C LEU A 29 -8.16 -1.32 1.77
N VAL A 30 -9.15 -0.86 1.00
CA VAL A 30 -9.47 -1.48 -0.28
C VAL A 30 -8.21 -1.62 -1.15
N HIS A 31 -7.29 -0.67 -0.99
CA HIS A 31 -6.05 -0.69 -1.77
C HIS A 31 -5.05 -1.67 -1.15
N GLN A 32 -5.10 -1.82 0.16
CA GLN A 32 -4.20 -2.72 0.86
C GLN A 32 -4.54 -4.18 0.56
N ARG A 33 -5.79 -4.41 0.12
CA ARG A 33 -6.24 -5.75 -0.19
C ARG A 33 -5.45 -6.33 -1.36
N MET A 34 -5.05 -5.46 -2.29
CA MET A 34 -4.29 -5.89 -3.46
C MET A 34 -3.00 -6.59 -3.04
N HIS A 35 -2.44 -6.15 -1.91
CA HIS A 35 -1.20 -6.73 -1.40
C HIS A 35 -1.48 -8.03 -0.66
N THR A 36 -2.35 -8.87 -1.22
CA THR A 36 -2.71 -10.14 -0.62
C THR A 36 -2.04 -11.30 -1.34
N ARG A 37 -1.89 -12.42 -0.64
CA ARG A 37 -1.26 -13.61 -1.22
C ARG A 37 -2.19 -14.81 -1.13
N GLU A 38 -3.47 -14.59 -1.42
CA GLU A 38 -4.46 -15.66 -1.37
C GLU A 38 -4.54 -16.39 -2.72
N LYS A 39 -3.39 -16.56 -3.35
CA LYS A 39 -3.32 -17.25 -4.64
C LYS A 39 -2.01 -18.01 -4.78
N PRO A 40 -2.06 -19.15 -5.48
CA PRO A 40 -0.88 -19.99 -5.71
C PRO A 40 0.11 -19.34 -6.68
N SER A 41 1.38 -19.30 -6.27
CA SER A 41 2.42 -18.70 -7.08
C SER A 41 2.51 -19.39 -8.44
N GLY A 42 3.45 -18.95 -9.28
CA GLY A 42 3.62 -19.53 -10.59
C GLY A 42 5.07 -19.78 -10.93
N PRO A 43 5.31 -20.62 -11.95
CA PRO A 43 6.66 -20.97 -12.39
C PRO A 43 7.37 -19.80 -13.06
N SER A 44 6.71 -18.64 -13.06
CA SER A 44 7.28 -17.44 -13.67
C SER A 44 8.41 -16.88 -12.82
N SER A 45 9.50 -17.63 -12.71
CA SER A 45 10.64 -17.21 -11.92
C SER A 45 10.20 -16.41 -10.70
N GLY A 46 9.30 -16.99 -9.92
CA GLY A 46 8.80 -16.32 -8.72
C GLY A 46 9.91 -15.96 -7.76
N GLY A 1 15.20 -4.66 3.82
CA GLY A 1 14.84 -3.38 4.42
C GLY A 1 15.52 -2.21 3.73
N SER A 2 14.95 -1.78 2.60
CA SER A 2 15.52 -0.66 1.84
C SER A 2 16.03 0.42 2.78
N SER A 3 16.96 1.23 2.29
CA SER A 3 17.53 2.32 3.08
C SER A 3 17.45 3.64 2.33
N GLY A 4 16.29 4.29 2.41
CA GLY A 4 16.11 5.56 1.72
C GLY A 4 14.66 6.01 1.73
N SER A 5 14.11 6.23 2.91
CA SER A 5 12.73 6.66 3.04
C SER A 5 12.57 7.67 4.17
N SER A 6 11.95 8.80 3.86
CA SER A 6 11.74 9.85 4.86
C SER A 6 10.55 10.73 4.49
N GLY A 7 9.79 11.14 5.49
CA GLY A 7 8.62 11.97 5.26
C GLY A 7 7.45 11.19 4.70
N ALA A 8 6.39 11.07 5.47
CA ALA A 8 5.20 10.35 5.05
C ALA A 8 4.42 11.13 4.01
N GLY A 9 3.97 12.32 4.38
CA GLY A 9 3.21 13.16 3.46
C GLY A 9 2.15 13.98 4.17
N VAL A 10 1.11 14.36 3.43
CA VAL A 10 0.03 15.17 3.99
C VAL A 10 -1.29 14.39 3.98
N ASN A 11 -1.31 13.27 3.25
CA ASN A 11 -2.51 12.45 3.15
C ASN A 11 -2.89 11.87 4.51
N PRO A 12 -4.20 11.77 4.76
CA PRO A 12 -4.71 11.23 6.03
C PRO A 12 -4.46 9.73 6.16
N TYR A 13 -4.14 9.08 5.05
CA TYR A 13 -3.87 7.65 5.06
C TYR A 13 -2.84 7.28 3.99
N LYS A 14 -1.73 6.69 4.43
CA LYS A 14 -0.67 6.29 3.51
C LYS A 14 -0.43 4.78 3.59
N CYS A 15 -0.54 4.11 2.45
CA CYS A 15 -0.34 2.67 2.37
C CYS A 15 1.02 2.29 2.95
N SER A 16 1.02 1.47 3.99
CA SER A 16 2.25 1.03 4.63
C SER A 16 3.03 0.08 3.72
N GLN A 17 2.31 -0.67 2.90
CA GLN A 17 2.93 -1.62 1.98
C GLN A 17 3.85 -0.91 1.01
N CYS A 18 3.27 -0.05 0.17
CA CYS A 18 4.04 0.70 -0.82
C CYS A 18 3.97 2.20 -0.54
N GLU A 19 4.54 2.99 -1.44
CA GLU A 19 4.54 4.45 -1.29
C GLU A 19 3.23 5.04 -1.80
N LYS A 20 2.13 4.34 -1.53
CA LYS A 20 0.81 4.81 -1.96
C LYS A 20 0.11 5.55 -0.84
N SER A 21 -0.94 6.29 -1.19
CA SER A 21 -1.69 7.06 -0.21
C SER A 21 -3.09 7.39 -0.74
N PHE A 22 -4.00 7.70 0.17
CA PHE A 22 -5.37 8.04 -0.20
C PHE A 22 -6.00 8.96 0.84
N SER A 23 -6.85 9.88 0.36
CA SER A 23 -7.51 10.83 1.25
C SER A 23 -8.76 10.20 1.88
N GLY A 24 -8.66 8.93 2.23
CA GLY A 24 -9.77 8.23 2.85
C GLY A 24 -9.37 6.89 3.44
N LYS A 25 -9.60 6.72 4.73
CA LYS A 25 -9.27 5.48 5.42
C LYS A 25 -9.61 4.27 4.55
N LEU A 26 -10.84 4.24 4.05
CA LEU A 26 -11.30 3.14 3.21
C LEU A 26 -10.37 2.95 2.01
N ARG A 27 -10.39 3.93 1.10
CA ARG A 27 -9.56 3.87 -0.09
C ARG A 27 -8.27 3.09 0.18
N LEU A 28 -7.67 3.35 1.32
CA LEU A 28 -6.43 2.68 1.70
C LEU A 28 -6.65 1.19 1.88
N LEU A 29 -7.46 0.82 2.87
CA LEU A 29 -7.76 -0.58 3.15
C LEU A 29 -8.00 -1.34 1.85
N VAL A 30 -9.03 -0.96 1.12
CA VAL A 30 -9.37 -1.61 -0.15
C VAL A 30 -8.13 -1.78 -1.02
N HIS A 31 -7.22 -0.81 -0.95
CA HIS A 31 -6.00 -0.86 -1.73
C HIS A 31 -4.99 -1.83 -1.11
N GLN A 32 -5.11 -2.04 0.19
CA GLN A 32 -4.21 -2.95 0.90
C GLN A 32 -4.58 -4.40 0.63
N ARG A 33 -5.83 -4.62 0.21
CA ARG A 33 -6.30 -5.96 -0.08
C ARG A 33 -5.61 -6.53 -1.32
N MET A 34 -5.44 -5.70 -2.33
CA MET A 34 -4.79 -6.11 -3.57
C MET A 34 -3.44 -6.77 -3.27
N HIS A 35 -2.67 -6.17 -2.38
CA HIS A 35 -1.36 -6.70 -2.02
C HIS A 35 -1.45 -8.20 -1.72
N THR A 36 -2.64 -8.65 -1.34
CA THR A 36 -2.85 -10.06 -1.04
C THR A 36 -2.25 -10.96 -2.11
N ARG A 37 -2.07 -12.24 -1.77
CA ARG A 37 -1.50 -13.20 -2.71
C ARG A 37 -2.58 -14.12 -3.28
N GLU A 38 -2.19 -14.97 -4.22
CA GLU A 38 -3.13 -15.90 -4.83
C GLU A 38 -2.76 -17.34 -4.51
N LYS A 39 -2.36 -17.57 -3.26
CA LYS A 39 -1.98 -18.92 -2.82
C LYS A 39 -2.61 -19.23 -1.46
N PRO A 40 -2.80 -20.53 -1.20
CA PRO A 40 -3.39 -20.99 0.06
C PRO A 40 -2.47 -20.78 1.25
N SER A 41 -2.97 -21.08 2.44
CA SER A 41 -2.18 -20.93 3.66
C SER A 41 -1.31 -22.15 3.92
N GLY A 42 -0.20 -21.95 4.62
CA GLY A 42 0.70 -23.04 4.91
C GLY A 42 0.37 -23.74 6.23
N PRO A 43 1.04 -24.86 6.49
CA PRO A 43 0.82 -25.64 7.72
C PRO A 43 1.33 -24.92 8.96
N SER A 44 2.30 -24.02 8.76
CA SER A 44 2.87 -23.27 9.86
C SER A 44 1.92 -22.18 10.34
N SER A 45 2.19 -21.65 11.54
CA SER A 45 1.35 -20.60 12.11
C SER A 45 2.19 -19.57 12.84
N GLY A 46 2.20 -18.34 12.32
CA GLY A 46 2.97 -17.27 12.93
C GLY A 46 2.59 -15.91 12.40
N GLY A 1 13.97 -2.12 -4.91
CA GLY A 1 13.70 -0.75 -5.29
C GLY A 1 13.05 0.04 -4.16
N SER A 2 13.86 0.81 -3.45
CA SER A 2 13.36 1.62 -2.34
C SER A 2 12.23 2.54 -2.80
N SER A 3 11.43 3.01 -1.85
CA SER A 3 10.33 3.89 -2.15
C SER A 3 10.41 5.18 -1.35
N GLY A 4 11.19 6.13 -1.84
CA GLY A 4 11.35 7.40 -1.15
C GLY A 4 10.16 8.33 -1.35
N SER A 5 10.38 9.62 -1.12
CA SER A 5 9.31 10.60 -1.28
C SER A 5 9.19 11.05 -2.73
N SER A 6 8.43 10.29 -3.52
CA SER A 6 8.24 10.61 -4.93
C SER A 6 7.44 11.90 -5.09
N GLY A 7 6.36 12.02 -4.33
CA GLY A 7 5.52 13.20 -4.40
C GLY A 7 5.48 13.96 -3.09
N ALA A 8 5.06 15.22 -3.16
CA ALA A 8 4.97 16.06 -1.96
C ALA A 8 3.52 16.26 -1.54
N GLY A 9 3.30 16.47 -0.24
CA GLY A 9 1.97 16.67 0.26
C GLY A 9 1.65 15.78 1.45
N VAL A 10 0.70 16.20 2.27
CA VAL A 10 0.30 15.42 3.44
C VAL A 10 -0.99 14.64 3.17
N ASN A 11 -1.07 13.44 3.74
CA ASN A 11 -2.25 12.59 3.56
C ASN A 11 -2.63 11.92 4.87
N PRO A 12 -3.95 11.80 5.11
CA PRO A 12 -4.48 11.17 6.32
C PRO A 12 -4.24 9.67 6.36
N TYR A 13 -4.16 9.06 5.17
CA TYR A 13 -3.94 7.63 5.06
C TYR A 13 -2.85 7.32 4.04
N LYS A 14 -1.87 6.52 4.45
CA LYS A 14 -0.76 6.16 3.57
C LYS A 14 -0.52 4.64 3.61
N CYS A 15 -0.62 4.01 2.45
CA CYS A 15 -0.41 2.57 2.36
C CYS A 15 0.94 2.18 2.96
N SER A 16 0.90 1.32 3.97
CA SER A 16 2.11 0.87 4.64
C SER A 16 2.93 -0.04 3.72
N GLN A 17 2.25 -0.69 2.79
CA GLN A 17 2.91 -1.59 1.85
C GLN A 17 3.80 -0.82 0.89
N CYS A 18 3.20 0.13 0.16
CA CYS A 18 3.94 0.94 -0.80
C CYS A 18 3.77 2.43 -0.50
N GLU A 19 4.57 3.25 -1.15
CA GLU A 19 4.51 4.70 -0.95
C GLU A 19 3.10 5.22 -1.23
N LYS A 20 2.27 4.38 -1.84
CA LYS A 20 0.90 4.76 -2.15
C LYS A 20 0.25 5.49 -0.98
N SER A 21 -0.78 6.27 -1.27
CA SER A 21 -1.49 7.01 -0.24
C SER A 21 -2.90 7.37 -0.70
N PHE A 22 -3.76 7.72 0.25
CA PHE A 22 -5.14 8.08 -0.05
C PHE A 22 -5.68 9.07 0.98
N SER A 23 -6.63 9.90 0.57
CA SER A 23 -7.23 10.88 1.45
C SER A 23 -8.43 10.28 2.19
N GLY A 24 -8.65 8.99 2.00
CA GLY A 24 -9.76 8.32 2.66
C GLY A 24 -9.37 6.97 3.22
N LYS A 25 -9.76 6.70 4.46
CA LYS A 25 -9.44 5.44 5.10
C LYS A 25 -9.76 4.26 4.19
N LEU A 26 -11.05 3.96 4.05
CA LEU A 26 -11.49 2.86 3.19
C LEU A 26 -10.55 2.68 2.00
N ARG A 27 -10.46 3.72 1.17
CA ARG A 27 -9.60 3.69 -0.01
C ARG A 27 -8.32 2.91 0.28
N LEU A 28 -7.71 3.18 1.42
CA LEU A 28 -6.48 2.49 1.81
C LEU A 28 -6.72 1.00 1.98
N LEU A 29 -7.58 0.65 2.92
CA LEU A 29 -7.90 -0.76 3.18
C LEU A 29 -8.12 -1.52 1.88
N VAL A 30 -9.15 -1.11 1.13
CA VAL A 30 -9.47 -1.75 -0.14
C VAL A 30 -8.23 -1.87 -1.02
N HIS A 31 -7.35 -0.89 -0.92
CA HIS A 31 -6.12 -0.88 -1.71
C HIS A 31 -5.08 -1.83 -1.11
N GLN A 32 -5.20 -2.09 0.19
CA GLN A 32 -4.28 -2.97 0.89
C GLN A 32 -4.63 -4.43 0.63
N ARG A 33 -5.84 -4.67 0.15
CA ARG A 33 -6.29 -6.03 -0.12
C ARG A 33 -5.63 -6.57 -1.39
N MET A 34 -5.37 -5.68 -2.34
CA MET A 34 -4.73 -6.07 -3.59
C MET A 34 -3.39 -6.73 -3.35
N HIS A 35 -2.60 -6.14 -2.44
CA HIS A 35 -1.29 -6.68 -2.11
C HIS A 35 -1.38 -8.16 -1.76
N THR A 36 -2.59 -8.63 -1.46
CA THR A 36 -2.81 -10.02 -1.11
C THR A 36 -2.19 -10.96 -2.14
N ARG A 37 -1.42 -11.92 -1.66
CA ARG A 37 -0.77 -12.88 -2.55
C ARG A 37 -1.02 -14.32 -2.08
N GLU A 38 -2.12 -14.90 -2.56
CA GLU A 38 -2.47 -16.26 -2.19
C GLU A 38 -1.26 -17.19 -2.30
N LYS A 39 -0.60 -17.43 -1.18
CA LYS A 39 0.56 -18.30 -1.14
C LYS A 39 0.15 -19.77 -1.17
N PRO A 40 0.94 -20.60 -1.86
CA PRO A 40 0.68 -22.04 -1.97
C PRO A 40 0.91 -22.77 -0.66
N SER A 41 0.09 -23.79 -0.40
CA SER A 41 0.20 -24.57 0.82
C SER A 41 1.66 -24.87 1.15
N GLY A 42 2.12 -24.33 2.27
CA GLY A 42 3.50 -24.55 2.67
C GLY A 42 3.60 -25.44 3.89
N PRO A 43 3.40 -24.85 5.08
CA PRO A 43 3.48 -25.58 6.34
C PRO A 43 2.31 -26.55 6.53
N SER A 44 1.44 -26.61 5.53
CA SER A 44 0.28 -27.49 5.57
C SER A 44 0.41 -28.61 4.54
N SER A 45 -0.42 -29.64 4.68
CA SER A 45 -0.39 -30.77 3.77
C SER A 45 -0.16 -30.31 2.34
N GLY A 46 0.83 -30.91 1.69
CA GLY A 46 1.14 -30.55 0.31
C GLY A 46 1.82 -31.67 -0.44
N GLY A 1 19.56 11.21 -3.49
CA GLY A 1 19.04 12.54 -3.73
C GLY A 1 18.74 13.29 -2.45
N SER A 2 18.95 14.60 -2.48
CA SER A 2 18.72 15.44 -1.31
C SER A 2 17.29 15.96 -1.30
N SER A 3 16.34 15.08 -1.63
CA SER A 3 14.93 15.45 -1.66
C SER A 3 14.59 16.40 -0.51
N GLY A 4 13.58 17.24 -0.72
CA GLY A 4 13.17 18.18 0.31
C GLY A 4 11.79 17.89 0.85
N SER A 5 11.37 18.63 1.86
CA SER A 5 10.06 18.45 2.47
C SER A 5 9.00 18.20 1.40
N SER A 6 8.82 19.19 0.52
CA SER A 6 7.83 19.08 -0.55
C SER A 6 6.60 18.34 -0.07
N GLY A 7 6.18 18.62 1.15
CA GLY A 7 5.00 17.97 1.72
C GLY A 7 5.23 16.49 1.96
N ALA A 8 5.73 16.15 3.13
CA ALA A 8 5.98 14.76 3.49
C ALA A 8 4.73 14.10 4.05
N GLY A 9 4.23 14.63 5.16
CA GLY A 9 3.04 14.07 5.78
C GLY A 9 1.83 14.96 5.61
N VAL A 10 1.08 14.75 4.54
CA VAL A 10 -0.12 15.54 4.27
C VAL A 10 -1.36 14.65 4.18
N ASN A 11 -1.21 13.50 3.55
CA ASN A 11 -2.32 12.56 3.39
C ASN A 11 -2.66 11.90 4.72
N PRO A 12 -3.96 11.79 5.01
CA PRO A 12 -4.44 11.17 6.25
C PRO A 12 -4.21 9.66 6.27
N TYR A 13 -4.08 9.06 5.10
CA TYR A 13 -3.85 7.63 4.99
C TYR A 13 -2.80 7.33 3.92
N LYS A 14 -1.77 6.59 4.31
CA LYS A 14 -0.70 6.23 3.39
C LYS A 14 -0.41 4.73 3.45
N CYS A 15 -0.61 4.04 2.34
CA CYS A 15 -0.38 2.60 2.27
C CYS A 15 0.98 2.25 2.85
N SER A 16 0.98 1.47 3.92
CA SER A 16 2.22 1.05 4.58
C SER A 16 3.02 0.11 3.69
N GLN A 17 2.33 -0.56 2.77
CA GLN A 17 2.97 -1.49 1.86
C GLN A 17 3.85 -0.76 0.85
N CYS A 18 3.23 0.13 0.08
CA CYS A 18 3.95 0.91 -0.92
C CYS A 18 3.78 2.41 -0.68
N GLU A 19 4.55 3.21 -1.40
CA GLU A 19 4.49 4.66 -1.26
C GLU A 19 3.08 5.17 -1.51
N LYS A 20 2.23 4.30 -2.06
CA LYS A 20 0.86 4.68 -2.36
C LYS A 20 0.23 5.41 -1.18
N SER A 21 -0.83 6.18 -1.47
CA SER A 21 -1.52 6.94 -0.44
C SER A 21 -2.94 7.29 -0.88
N PHE A 22 -3.77 7.70 0.07
CA PHE A 22 -5.15 8.07 -0.22
C PHE A 22 -5.68 9.06 0.82
N SER A 23 -6.61 9.90 0.40
CA SER A 23 -7.20 10.89 1.28
C SER A 23 -8.33 10.29 2.12
N GLY A 24 -8.76 9.09 1.73
CA GLY A 24 -9.83 8.43 2.44
C GLY A 24 -9.39 7.11 3.06
N LYS A 25 -9.79 6.88 4.30
CA LYS A 25 -9.43 5.66 5.01
C LYS A 25 -9.73 4.43 4.16
N LEU A 26 -11.02 4.08 4.08
CA LEU A 26 -11.44 2.93 3.29
C LEU A 26 -10.53 2.73 2.08
N ARG A 27 -10.54 3.71 1.17
CA ARG A 27 -9.71 3.62 -0.03
C ARG A 27 -8.43 2.85 0.24
N LEU A 28 -7.74 3.20 1.32
CA LEU A 28 -6.50 2.54 1.68
C LEU A 28 -6.73 1.04 1.92
N LEU A 29 -7.57 0.72 2.90
CA LEU A 29 -7.88 -0.66 3.23
C LEU A 29 -8.14 -1.47 1.96
N VAL A 30 -9.17 -1.07 1.21
CA VAL A 30 -9.53 -1.76 -0.02
C VAL A 30 -8.31 -1.93 -0.92
N HIS A 31 -7.41 -0.96 -0.89
CA HIS A 31 -6.20 -1.01 -1.71
C HIS A 31 -5.16 -1.93 -1.08
N GLN A 32 -5.17 -2.02 0.24
CA GLN A 32 -4.23 -2.88 0.96
C GLN A 32 -4.58 -4.35 0.78
N ARG A 33 -5.80 -4.60 0.32
CA ARG A 33 -6.26 -5.97 0.11
C ARG A 33 -5.57 -6.61 -1.10
N MET A 34 -5.31 -5.80 -2.12
CA MET A 34 -4.65 -6.27 -3.33
C MET A 34 -3.32 -6.92 -3.00
N HIS A 35 -2.55 -6.28 -2.13
CA HIS A 35 -1.25 -6.80 -1.73
C HIS A 35 -1.36 -8.25 -1.27
N THR A 36 -2.51 -8.60 -0.71
CA THR A 36 -2.75 -9.95 -0.23
C THR A 36 -2.06 -10.98 -1.13
N ARG A 37 -1.66 -12.09 -0.54
CA ARG A 37 -0.99 -13.15 -1.29
C ARG A 37 -1.78 -14.45 -1.22
N GLU A 38 -2.54 -14.74 -2.28
CA GLU A 38 -3.35 -15.95 -2.33
C GLU A 38 -2.95 -16.83 -3.51
N LYS A 39 -2.32 -17.96 -3.21
CA LYS A 39 -1.88 -18.89 -4.24
C LYS A 39 -2.41 -20.29 -3.98
N PRO A 40 -2.75 -21.01 -5.06
CA PRO A 40 -3.28 -22.37 -4.97
C PRO A 40 -2.21 -23.38 -4.52
N SER A 41 -0.99 -23.20 -5.01
CA SER A 41 0.11 -24.09 -4.65
C SER A 41 -0.37 -25.53 -4.54
N GLY A 42 -1.18 -25.95 -5.50
CA GLY A 42 -1.70 -27.30 -5.50
C GLY A 42 -2.52 -27.61 -4.26
N PRO A 43 -2.65 -28.91 -3.93
CA PRO A 43 -3.41 -29.35 -2.75
C PRO A 43 -2.72 -28.99 -1.45
N SER A 44 -3.51 -28.88 -0.38
CA SER A 44 -2.98 -28.54 0.93
C SER A 44 -2.41 -27.12 0.93
N SER A 45 -3.11 -26.21 0.25
CA SER A 45 -2.67 -24.83 0.16
C SER A 45 -2.64 -24.18 1.55
N GLY A 46 -3.70 -24.40 2.31
CA GLY A 46 -3.79 -23.83 3.65
C GLY A 46 -4.66 -24.65 4.57
N GLY A 1 13.46 5.59 -17.70
CA GLY A 1 14.88 5.42 -17.44
C GLY A 1 15.46 6.53 -16.60
N SER A 2 14.72 6.96 -15.59
CA SER A 2 15.16 8.04 -14.71
C SER A 2 15.49 7.51 -13.32
N SER A 3 16.34 8.23 -12.60
CA SER A 3 16.75 7.83 -11.26
C SER A 3 16.66 9.00 -10.29
N GLY A 4 15.64 8.98 -9.44
CA GLY A 4 15.46 10.06 -8.47
C GLY A 4 14.07 10.65 -8.52
N SER A 5 13.09 9.92 -7.98
CA SER A 5 11.72 10.38 -7.98
C SER A 5 11.20 10.50 -6.54
N SER A 6 11.11 11.73 -6.05
CA SER A 6 10.64 11.98 -4.70
C SER A 6 10.03 13.38 -4.59
N GLY A 7 8.86 13.47 -3.96
CA GLY A 7 8.21 14.74 -3.80
C GLY A 7 7.44 14.84 -2.50
N ALA A 8 6.78 15.98 -2.28
CA ALA A 8 6.01 16.19 -1.06
C ALA A 8 4.58 15.65 -1.21
N GLY A 9 3.90 15.49 -0.09
CA GLY A 9 2.54 14.98 -0.11
C GLY A 9 2.04 14.59 1.26
N VAL A 10 0.94 15.19 1.69
CA VAL A 10 0.35 14.90 2.99
C VAL A 10 -1.01 14.23 2.84
N ASN A 11 -1.17 13.09 3.51
CA ASN A 11 -2.42 12.34 3.45
C ASN A 11 -2.73 11.70 4.81
N PRO A 12 -4.03 11.62 5.13
CA PRO A 12 -4.49 11.02 6.40
C PRO A 12 -4.27 9.52 6.44
N TYR A 13 -4.11 8.91 5.26
CA TYR A 13 -3.90 7.47 5.17
C TYR A 13 -2.84 7.15 4.14
N LYS A 14 -1.77 6.50 4.58
CA LYS A 14 -0.68 6.11 3.69
C LYS A 14 -0.46 4.60 3.70
N CYS A 15 -0.55 4.00 2.52
CA CYS A 15 -0.37 2.56 2.39
C CYS A 15 0.97 2.12 2.95
N SER A 16 0.94 1.20 3.91
CA SER A 16 2.16 0.70 4.54
C SER A 16 2.95 -0.20 3.58
N GLN A 17 2.21 -0.91 2.73
CA GLN A 17 2.83 -1.82 1.77
C GLN A 17 3.75 -1.05 0.81
N CYS A 18 3.17 -0.13 0.05
CA CYS A 18 3.93 0.67 -0.89
C CYS A 18 3.86 2.16 -0.54
N GLU A 19 4.44 2.99 -1.39
CA GLU A 19 4.44 4.43 -1.16
C GLU A 19 3.14 5.06 -1.65
N LYS A 20 2.03 4.37 -1.40
CA LYS A 20 0.71 4.86 -1.80
C LYS A 20 0.02 5.56 -0.65
N SER A 21 -0.94 6.42 -0.98
CA SER A 21 -1.69 7.16 0.03
C SER A 21 -3.07 7.56 -0.49
N PHE A 22 -3.97 7.88 0.43
CA PHE A 22 -5.33 8.27 0.06
C PHE A 22 -5.91 9.22 1.10
N SER A 23 -6.83 10.08 0.66
CA SER A 23 -7.47 11.04 1.55
C SER A 23 -8.58 10.39 2.36
N GLY A 24 -8.95 9.16 1.97
CA GLY A 24 -9.99 8.44 2.68
C GLY A 24 -9.51 7.11 3.22
N LYS A 25 -9.89 6.82 4.46
CA LYS A 25 -9.50 5.57 5.10
C LYS A 25 -9.80 4.38 4.20
N LEU A 26 -11.08 4.06 4.05
CA LEU A 26 -11.49 2.94 3.21
C LEU A 26 -10.57 2.78 2.00
N ARG A 27 -10.56 3.79 1.13
CA ARG A 27 -9.72 3.77 -0.05
C ARG A 27 -8.43 2.99 0.21
N LEU A 28 -7.76 3.31 1.31
CA LEU A 28 -6.52 2.64 1.67
C LEU A 28 -6.74 1.15 1.87
N LEU A 29 -7.55 0.79 2.85
CA LEU A 29 -7.85 -0.61 3.14
C LEU A 29 -8.08 -1.39 1.84
N VAL A 30 -9.09 -0.99 1.08
CA VAL A 30 -9.41 -1.64 -0.18
C VAL A 30 -8.17 -1.75 -1.07
N HIS A 31 -7.29 -0.77 -0.98
CA HIS A 31 -6.07 -0.75 -1.77
C HIS A 31 -5.01 -1.67 -1.16
N GLN A 32 -5.06 -1.82 0.17
CA GLN A 32 -4.11 -2.67 0.86
C GLN A 32 -4.39 -4.15 0.59
N ARG A 33 -5.61 -4.44 0.18
CA ARG A 33 -6.01 -5.81 -0.12
C ARG A 33 -5.21 -6.38 -1.28
N MET A 34 -4.85 -5.51 -2.23
CA MET A 34 -4.08 -5.92 -3.39
C MET A 34 -2.78 -6.59 -2.97
N HIS A 35 -2.19 -6.10 -1.88
CA HIS A 35 -0.94 -6.65 -1.38
C HIS A 35 -1.19 -7.91 -0.56
N THR A 36 -2.06 -8.78 -1.07
CA THR A 36 -2.40 -10.03 -0.38
C THR A 36 -1.92 -11.23 -1.18
N ARG A 37 -1.20 -12.13 -0.52
CA ARG A 37 -0.69 -13.33 -1.16
C ARG A 37 -0.73 -14.52 -0.20
N GLU A 38 -1.13 -15.67 -0.72
CA GLU A 38 -1.21 -16.89 0.09
C GLU A 38 -0.26 -17.96 -0.44
N LYS A 39 0.87 -17.53 -0.99
CA LYS A 39 1.86 -18.44 -1.53
C LYS A 39 3.17 -18.34 -0.77
N PRO A 40 3.85 -19.48 -0.60
CA PRO A 40 5.14 -19.55 0.11
C PRO A 40 6.26 -18.88 -0.66
N SER A 41 5.97 -18.48 -1.90
CA SER A 41 6.96 -17.82 -2.75
C SER A 41 7.65 -16.69 -2.00
N GLY A 42 8.93 -16.86 -1.70
CA GLY A 42 9.68 -15.85 -0.99
C GLY A 42 10.69 -16.43 -0.04
N PRO A 43 11.71 -17.10 -0.59
CA PRO A 43 12.77 -17.73 0.21
C PRO A 43 13.68 -16.71 0.88
N SER A 44 13.37 -16.35 2.12
CA SER A 44 14.15 -15.38 2.87
C SER A 44 15.36 -16.04 3.51
N SER A 45 15.13 -17.15 4.19
CA SER A 45 16.21 -17.89 4.86
C SER A 45 16.54 -19.17 4.10
N GLY A 46 16.59 -19.07 2.78
CA GLY A 46 16.91 -20.23 1.97
C GLY A 46 18.03 -19.97 0.98
N GLY A 1 22.79 2.61 -1.21
CA GLY A 1 21.75 2.31 -2.18
C GLY A 1 20.98 3.54 -2.62
N SER A 2 19.67 3.43 -2.67
CA SER A 2 18.81 4.53 -3.09
C SER A 2 17.74 4.82 -2.03
N SER A 3 17.96 5.87 -1.25
CA SER A 3 17.03 6.25 -0.20
C SER A 3 16.89 7.77 -0.12
N GLY A 4 15.95 8.22 0.71
CA GLY A 4 15.74 9.65 0.87
C GLY A 4 14.85 10.22 -0.21
N SER A 5 13.83 10.98 0.20
CA SER A 5 12.90 11.58 -0.73
C SER A 5 12.35 12.90 -0.18
N SER A 6 12.35 13.93 -1.02
CA SER A 6 11.85 15.24 -0.62
C SER A 6 10.39 15.42 -1.03
N GLY A 7 9.81 16.55 -0.63
CA GLY A 7 8.42 16.82 -0.98
C GLY A 7 7.46 15.89 -0.26
N ALA A 8 7.53 15.88 1.07
CA ALA A 8 6.65 15.04 1.87
C ALA A 8 5.20 15.49 1.76
N GLY A 9 4.40 14.72 1.03
CA GLY A 9 3.00 15.05 0.85
C GLY A 9 2.24 15.08 2.16
N VAL A 10 0.94 15.32 2.09
CA VAL A 10 0.10 15.37 3.28
C VAL A 10 -1.18 14.58 3.08
N ASN A 11 -1.17 13.33 3.56
CA ASN A 11 -2.34 12.46 3.44
C ASN A 11 -2.69 11.84 4.78
N PRO A 12 -4.00 11.71 5.06
CA PRO A 12 -4.49 11.13 6.31
C PRO A 12 -4.24 9.63 6.39
N TYR A 13 -4.11 8.99 5.24
CA TYR A 13 -3.88 7.55 5.19
C TYR A 13 -2.81 7.22 4.14
N LYS A 14 -1.81 6.44 4.55
CA LYS A 14 -0.74 6.05 3.66
C LYS A 14 -0.51 4.54 3.70
N CYS A 15 -0.58 3.90 2.55
CA CYS A 15 -0.38 2.46 2.46
C CYS A 15 1.00 2.07 2.99
N SER A 16 1.02 1.22 4.01
CA SER A 16 2.28 0.77 4.60
C SER A 16 3.02 -0.16 3.65
N GLN A 17 2.27 -0.87 2.81
CA GLN A 17 2.87 -1.80 1.85
C GLN A 17 3.77 -1.06 0.87
N CYS A 18 3.18 -0.15 0.09
CA CYS A 18 3.93 0.63 -0.88
C CYS A 18 3.88 2.12 -0.56
N GLU A 19 4.44 2.92 -1.45
CA GLU A 19 4.45 4.37 -1.26
C GLU A 19 3.14 4.99 -1.73
N LYS A 20 2.04 4.28 -1.47
CA LYS A 20 0.71 4.76 -1.86
C LYS A 20 0.06 5.53 -0.72
N SER A 21 -0.95 6.33 -1.05
CA SER A 21 -1.66 7.12 -0.06
C SER A 21 -3.03 7.54 -0.57
N PHE A 22 -3.96 7.79 0.36
CA PHE A 22 -5.31 8.20 0.00
C PHE A 22 -5.88 9.16 1.04
N SER A 23 -6.77 10.04 0.59
CA SER A 23 -7.39 11.02 1.48
C SER A 23 -8.50 10.37 2.31
N GLY A 24 -8.89 9.17 1.92
CA GLY A 24 -9.94 8.46 2.63
C GLY A 24 -9.47 7.13 3.19
N LYS A 25 -9.87 6.84 4.42
CA LYS A 25 -9.49 5.60 5.09
C LYS A 25 -9.79 4.40 4.19
N LEU A 26 -11.08 4.05 4.10
CA LEU A 26 -11.50 2.93 3.28
C LEU A 26 -10.62 2.78 2.04
N ARG A 27 -10.59 3.82 1.22
CA ARG A 27 -9.78 3.80 0.00
C ARG A 27 -8.48 3.04 0.23
N LEU A 28 -7.82 3.30 1.35
CA LEU A 28 -6.56 2.64 1.68
C LEU A 28 -6.77 1.14 1.84
N LEU A 29 -7.51 0.76 2.88
CA LEU A 29 -7.79 -0.65 3.14
C LEU A 29 -8.01 -1.42 1.85
N VAL A 30 -9.08 -1.09 1.14
CA VAL A 30 -9.40 -1.74 -0.12
C VAL A 30 -8.17 -1.86 -1.00
N HIS A 31 -7.33 -0.84 -0.99
CA HIS A 31 -6.11 -0.82 -1.79
C HIS A 31 -5.07 -1.76 -1.20
N GLN A 32 -5.06 -1.88 0.13
CA GLN A 32 -4.11 -2.74 0.82
C GLN A 32 -4.39 -4.21 0.52
N ARG A 33 -5.63 -4.51 0.16
CA ARG A 33 -6.03 -5.87 -0.14
C ARG A 33 -5.27 -6.39 -1.36
N MET A 34 -4.93 -5.50 -2.28
CA MET A 34 -4.20 -5.87 -3.48
C MET A 34 -2.90 -6.57 -3.13
N HIS A 35 -2.29 -6.16 -2.02
CA HIS A 35 -1.04 -6.76 -1.58
C HIS A 35 -1.29 -8.09 -0.87
N THR A 36 -2.16 -8.91 -1.45
CA THR A 36 -2.49 -10.21 -0.87
C THR A 36 -1.75 -11.33 -1.59
N ARG A 37 -0.77 -11.91 -0.91
CA ARG A 37 0.02 -13.00 -1.49
C ARG A 37 0.11 -14.17 -0.52
N GLU A 38 -1.02 -14.51 0.11
CA GLU A 38 -1.07 -15.62 1.06
C GLU A 38 -2.34 -16.43 0.89
N LYS A 39 -2.20 -17.64 0.35
CA LYS A 39 -3.34 -18.52 0.15
C LYS A 39 -3.58 -19.41 1.36
N PRO A 40 -4.86 -19.60 1.71
CA PRO A 40 -5.25 -20.43 2.86
C PRO A 40 -5.00 -21.91 2.61
N SER A 41 -4.54 -22.24 1.41
CA SER A 41 -4.25 -23.62 1.05
C SER A 41 -2.80 -23.97 1.35
N GLY A 42 -2.48 -24.14 2.62
CA GLY A 42 -1.12 -24.47 3.01
C GLY A 42 -0.69 -23.76 4.27
N PRO A 43 -0.19 -22.52 4.11
CA PRO A 43 0.26 -21.70 5.25
C PRO A 43 -0.88 -21.25 6.14
N SER A 44 -0.79 -21.55 7.43
CA SER A 44 -1.82 -21.17 8.39
C SER A 44 -1.53 -19.80 8.98
N SER A 45 -0.26 -19.56 9.31
CA SER A 45 0.15 -18.29 9.90
C SER A 45 0.48 -17.27 8.81
N GLY A 46 0.45 -15.99 9.18
CA GLY A 46 0.75 -14.94 8.23
C GLY A 46 0.23 -13.60 8.68
N GLY A 1 4.79 11.62 -16.98
CA GLY A 1 4.55 11.44 -15.56
C GLY A 1 3.86 12.64 -14.93
N SER A 2 4.55 13.29 -13.99
CA SER A 2 4.00 14.46 -13.31
C SER A 2 4.90 15.67 -13.50
N SER A 3 4.32 16.87 -13.35
CA SER A 3 5.07 18.10 -13.50
C SER A 3 5.28 18.79 -12.15
N GLY A 4 4.17 19.16 -11.50
CA GLY A 4 4.26 19.81 -10.22
C GLY A 4 5.24 19.14 -9.28
N SER A 5 6.30 19.85 -8.92
CA SER A 5 7.31 19.32 -8.03
C SER A 5 6.70 18.40 -6.99
N SER A 6 6.87 17.09 -7.18
CA SER A 6 6.32 16.10 -6.26
C SER A 6 7.19 15.97 -5.02
N GLY A 7 6.89 16.77 -4.00
CA GLY A 7 7.66 16.74 -2.77
C GLY A 7 6.89 17.31 -1.60
N ALA A 8 5.64 16.90 -1.45
CA ALA A 8 4.80 17.38 -0.35
C ALA A 8 3.48 16.63 -0.31
N GLY A 9 3.21 15.96 0.81
CA GLY A 9 1.97 15.22 0.95
C GLY A 9 1.50 15.13 2.39
N VAL A 10 0.24 15.47 2.62
CA VAL A 10 -0.33 15.43 3.96
C VAL A 10 -1.55 14.52 4.01
N ASN A 11 -1.46 13.39 3.33
CA ASN A 11 -2.56 12.42 3.30
C ASN A 11 -2.76 11.78 4.67
N PRO A 12 -4.03 11.68 5.10
CA PRO A 12 -4.38 11.09 6.39
C PRO A 12 -4.15 9.59 6.42
N TYR A 13 -4.01 8.99 5.25
CA TYR A 13 -3.78 7.55 5.14
C TYR A 13 -2.73 7.24 4.08
N LYS A 14 -1.68 6.53 4.47
CA LYS A 14 -0.62 6.17 3.55
C LYS A 14 -0.32 4.67 3.63
N CYS A 15 -0.52 3.97 2.51
CA CYS A 15 -0.28 2.53 2.45
C CYS A 15 1.09 2.20 3.01
N SER A 16 1.12 1.38 4.06
CA SER A 16 2.38 0.98 4.69
C SER A 16 3.15 0.02 3.79
N GLN A 17 2.43 -0.71 2.94
CA GLN A 17 3.05 -1.67 2.04
C GLN A 17 3.94 -0.94 1.02
N CYS A 18 3.32 -0.10 0.20
CA CYS A 18 4.05 0.65 -0.82
C CYS A 18 3.98 2.15 -0.55
N GLU A 19 4.52 2.94 -1.47
CA GLU A 19 4.50 4.39 -1.34
C GLU A 19 3.18 4.98 -1.82
N LYS A 20 2.09 4.26 -1.54
CA LYS A 20 0.77 4.71 -1.95
C LYS A 20 0.10 5.50 -0.84
N SER A 21 -0.88 6.32 -1.21
CA SER A 21 -1.59 7.15 -0.24
C SER A 21 -3.00 7.48 -0.73
N PHE A 22 -3.87 7.84 0.20
CA PHE A 22 -5.26 8.17 -0.14
C PHE A 22 -5.82 9.22 0.82
N SER A 23 -6.77 10.00 0.35
CA SER A 23 -7.39 11.03 1.17
C SER A 23 -8.53 10.46 2.01
N GLY A 24 -8.69 9.15 1.95
CA GLY A 24 -9.74 8.49 2.72
C GLY A 24 -9.30 7.14 3.25
N LYS A 25 -9.67 6.86 4.50
CA LYS A 25 -9.32 5.60 5.14
C LYS A 25 -9.64 4.42 4.24
N LEU A 26 -10.93 4.09 4.14
CA LEU A 26 -11.37 2.99 3.29
C LEU A 26 -10.47 2.83 2.07
N ARG A 27 -10.50 3.84 1.20
CA ARG A 27 -9.68 3.82 -0.01
C ARG A 27 -8.39 3.02 0.21
N LEU A 28 -7.70 3.31 1.31
CA LEU A 28 -6.46 2.63 1.63
C LEU A 28 -6.70 1.13 1.82
N LEU A 29 -7.48 0.78 2.83
CA LEU A 29 -7.78 -0.62 3.12
C LEU A 29 -8.05 -1.39 1.82
N VAL A 30 -9.10 -0.99 1.11
CA VAL A 30 -9.46 -1.64 -0.15
C VAL A 30 -8.23 -1.83 -1.04
N HIS A 31 -7.31 -0.87 -0.98
CA HIS A 31 -6.10 -0.94 -1.78
C HIS A 31 -5.10 -1.91 -1.18
N GLN A 32 -5.16 -2.07 0.14
CA GLN A 32 -4.25 -2.99 0.84
C GLN A 32 -4.64 -4.44 0.58
N ARG A 33 -5.87 -4.66 0.15
CA ARG A 33 -6.36 -5.99 -0.13
C ARG A 33 -5.66 -6.58 -1.35
N MET A 34 -5.38 -5.73 -2.33
CA MET A 34 -4.71 -6.16 -3.55
C MET A 34 -3.38 -6.85 -3.23
N HIS A 35 -2.67 -6.31 -2.26
CA HIS A 35 -1.39 -6.86 -1.85
C HIS A 35 -1.52 -8.32 -1.45
N THR A 36 -2.74 -8.72 -1.07
CA THR A 36 -3.00 -10.09 -0.65
C THR A 36 -2.24 -11.09 -1.52
N ARG A 37 -1.83 -12.20 -0.92
CA ARG A 37 -1.09 -13.23 -1.64
C ARG A 37 -1.96 -14.46 -1.87
N GLU A 38 -3.22 -14.22 -2.23
CA GLU A 38 -4.15 -15.33 -2.49
C GLU A 38 -4.30 -15.57 -3.99
N LYS A 39 -3.90 -16.76 -4.42
CA LYS A 39 -3.99 -17.13 -5.83
C LYS A 39 -5.09 -18.16 -6.05
N PRO A 40 -5.78 -18.05 -7.20
CA PRO A 40 -6.88 -18.96 -7.56
C PRO A 40 -6.37 -20.36 -7.89
N SER A 41 -7.29 -21.24 -8.25
CA SER A 41 -6.94 -22.62 -8.59
C SER A 41 -7.33 -22.94 -10.03
N GLY A 42 -7.03 -22.01 -10.93
CA GLY A 42 -7.35 -22.21 -12.34
C GLY A 42 -6.17 -22.73 -13.14
N PRO A 43 -5.47 -21.82 -13.82
CA PRO A 43 -4.30 -22.16 -14.64
C PRO A 43 -3.11 -22.60 -13.79
N SER A 44 -3.24 -22.46 -12.48
CA SER A 44 -2.16 -22.83 -11.56
C SER A 44 -1.48 -24.11 -12.03
N SER A 45 -2.24 -25.19 -12.11
CA SER A 45 -1.70 -26.48 -12.53
C SER A 45 -0.72 -26.30 -13.68
N GLY A 46 -1.21 -25.80 -14.81
CA GLY A 46 -0.35 -25.59 -15.96
C GLY A 46 -0.76 -26.44 -17.15
N GLY A 1 21.97 7.18 -3.23
CA GLY A 1 20.53 7.35 -3.12
C GLY A 1 19.80 6.88 -4.36
N SER A 2 18.48 7.10 -4.38
CA SER A 2 17.66 6.70 -5.51
C SER A 2 17.67 7.77 -6.60
N SER A 3 17.37 7.36 -7.83
CA SER A 3 17.35 8.28 -8.96
C SER A 3 15.92 8.71 -9.28
N GLY A 4 15.74 10.00 -9.55
CA GLY A 4 14.43 10.51 -9.88
C GLY A 4 14.08 11.75 -9.07
N SER A 5 12.83 11.84 -8.63
CA SER A 5 12.38 12.99 -7.85
C SER A 5 11.34 12.57 -6.81
N SER A 6 10.90 13.52 -6.00
CA SER A 6 9.91 13.25 -4.96
C SER A 6 8.51 13.65 -5.42
N GLY A 7 7.53 12.79 -5.15
CA GLY A 7 6.17 13.07 -5.54
C GLY A 7 5.17 12.73 -4.45
N ALA A 8 5.29 13.41 -3.31
CA ALA A 8 4.39 13.16 -2.19
C ALA A 8 4.19 14.43 -1.37
N GLY A 9 3.17 14.41 -0.51
CA GLY A 9 2.88 15.57 0.33
C GLY A 9 2.25 15.20 1.64
N VAL A 10 0.99 15.60 1.82
CA VAL A 10 0.27 15.29 3.06
C VAL A 10 -0.95 14.42 2.78
N ASN A 11 -1.23 13.48 3.68
CA ASN A 11 -2.37 12.59 3.54
C ASN A 11 -2.75 11.97 4.87
N PRO A 12 -4.06 11.77 5.09
CA PRO A 12 -4.58 11.18 6.32
C PRO A 12 -4.25 9.71 6.44
N TYR A 13 -4.16 9.03 5.30
CA TYR A 13 -3.86 7.60 5.28
C TYR A 13 -2.81 7.29 4.22
N LYS A 14 -1.79 6.52 4.61
CA LYS A 14 -0.73 6.14 3.70
C LYS A 14 -0.47 4.64 3.75
N CYS A 15 -0.59 3.98 2.60
CA CYS A 15 -0.37 2.54 2.52
C CYS A 15 1.02 2.17 3.04
N SER A 16 1.05 1.34 4.07
CA SER A 16 2.31 0.91 4.67
C SER A 16 3.06 -0.02 3.73
N GLN A 17 2.33 -0.76 2.91
CA GLN A 17 2.93 -1.69 1.97
C GLN A 17 3.84 -0.95 0.99
N CYS A 18 3.25 -0.08 0.18
CA CYS A 18 4.00 0.70 -0.80
C CYS A 18 3.93 2.19 -0.48
N GLU A 19 4.50 3.00 -1.37
CA GLU A 19 4.51 4.45 -1.19
C GLU A 19 3.20 5.06 -1.66
N LYS A 20 2.10 4.34 -1.44
CA LYS A 20 0.78 4.82 -1.84
C LYS A 20 0.11 5.60 -0.71
N SER A 21 -0.95 6.33 -1.03
CA SER A 21 -1.66 7.13 -0.05
C SER A 21 -3.06 7.48 -0.55
N PHE A 22 -3.97 7.74 0.38
CA PHE A 22 -5.34 8.10 0.03
C PHE A 22 -5.94 9.04 1.07
N SER A 23 -6.74 9.99 0.61
CA SER A 23 -7.37 10.96 1.50
C SER A 23 -8.47 10.29 2.34
N GLY A 24 -8.91 9.12 1.89
CA GLY A 24 -9.94 8.40 2.62
C GLY A 24 -9.46 7.08 3.16
N LYS A 25 -9.79 6.80 4.42
CA LYS A 25 -9.38 5.55 5.06
C LYS A 25 -9.69 4.35 4.17
N LEU A 26 -10.97 4.00 4.08
CA LEU A 26 -11.40 2.87 3.28
C LEU A 26 -10.51 2.71 2.06
N ARG A 27 -10.50 3.71 1.18
CA ARG A 27 -9.68 3.67 -0.02
C ARG A 27 -8.38 2.91 0.22
N LEU A 28 -7.73 3.22 1.33
CA LEU A 28 -6.47 2.57 1.68
C LEU A 28 -6.68 1.08 1.90
N LEU A 29 -7.51 0.74 2.87
CA LEU A 29 -7.80 -0.66 3.18
C LEU A 29 -8.04 -1.47 1.89
N VAL A 30 -9.07 -1.08 1.14
CA VAL A 30 -9.40 -1.76 -0.10
C VAL A 30 -8.18 -1.91 -0.99
N HIS A 31 -7.33 -0.88 -1.00
CA HIS A 31 -6.12 -0.89 -1.81
C HIS A 31 -5.08 -1.85 -1.21
N GLN A 32 -5.12 -2.00 0.10
CA GLN A 32 -4.18 -2.88 0.79
C GLN A 32 -4.50 -4.35 0.52
N ARG A 33 -5.73 -4.59 0.06
CA ARG A 33 -6.17 -5.95 -0.23
C ARG A 33 -5.54 -6.46 -1.52
N MET A 34 -5.32 -5.55 -2.47
CA MET A 34 -4.71 -5.92 -3.75
C MET A 34 -3.39 -6.63 -3.54
N HIS A 35 -2.58 -6.12 -2.62
CA HIS A 35 -1.28 -6.72 -2.32
C HIS A 35 -1.41 -8.22 -2.08
N THR A 36 -2.52 -8.63 -1.48
CA THR A 36 -2.77 -10.03 -1.20
C THR A 36 -2.20 -10.92 -2.30
N ARG A 37 -1.78 -12.12 -1.93
CA ARG A 37 -1.22 -13.07 -2.89
C ARG A 37 -1.85 -14.45 -2.73
N GLU A 38 -3.18 -14.46 -2.60
CA GLU A 38 -3.91 -15.71 -2.44
C GLU A 38 -3.80 -16.57 -3.70
N LYS A 39 -3.08 -17.68 -3.59
CA LYS A 39 -2.90 -18.59 -4.72
C LYS A 39 -2.48 -19.98 -4.23
N PRO A 40 -3.04 -21.02 -4.87
CA PRO A 40 -2.74 -22.41 -4.53
C PRO A 40 -1.33 -22.81 -4.91
N SER A 41 -0.69 -23.63 -4.06
CA SER A 41 0.67 -24.08 -4.32
C SER A 41 0.77 -25.59 -4.17
N GLY A 42 1.99 -26.12 -4.34
CA GLY A 42 2.19 -27.55 -4.23
C GLY A 42 2.39 -27.98 -2.78
N PRO A 43 3.03 -29.15 -2.60
CA PRO A 43 3.29 -29.71 -1.27
C PRO A 43 4.33 -28.90 -0.50
N SER A 44 4.79 -27.81 -1.11
CA SER A 44 5.80 -26.96 -0.48
C SER A 44 7.03 -27.77 -0.07
N SER A 45 7.51 -28.59 -0.99
CA SER A 45 8.68 -29.42 -0.73
C SER A 45 9.81 -28.59 -0.13
N GLY A 46 10.13 -28.85 1.14
CA GLY A 46 11.18 -28.13 1.81
C GLY A 46 10.71 -27.46 3.08
N GLY A 1 20.92 6.88 -5.06
CA GLY A 1 20.29 8.08 -5.59
C GLY A 1 19.41 8.76 -4.56
N SER A 2 19.99 9.06 -3.40
CA SER A 2 19.24 9.70 -2.33
C SER A 2 18.87 11.13 -2.71
N SER A 3 17.69 11.57 -2.28
CA SER A 3 17.21 12.92 -2.59
C SER A 3 16.47 13.50 -1.40
N GLY A 4 16.02 14.76 -1.54
CA GLY A 4 15.29 15.41 -0.47
C GLY A 4 13.81 15.11 -0.51
N SER A 5 13.47 13.84 -0.61
CA SER A 5 12.08 13.42 -0.66
C SER A 5 11.55 13.10 0.73
N SER A 6 10.96 14.10 1.37
CA SER A 6 10.41 13.94 2.72
C SER A 6 8.93 13.64 2.67
N GLY A 7 8.18 14.52 2.00
CA GLY A 7 6.75 14.35 1.90
C GLY A 7 5.99 15.66 1.92
N ALA A 8 6.01 16.38 0.81
CA ALA A 8 5.32 17.67 0.71
C ALA A 8 3.81 17.50 0.89
N GLY A 9 3.24 16.54 0.18
CA GLY A 9 1.81 16.29 0.27
C GLY A 9 1.46 15.39 1.43
N VAL A 10 0.74 15.93 2.41
CA VAL A 10 0.33 15.15 3.58
C VAL A 10 -0.99 14.44 3.34
N ASN A 11 -1.11 13.22 3.84
CA ASN A 11 -2.32 12.43 3.69
C ASN A 11 -2.70 11.74 4.99
N PRO A 12 -4.01 11.63 5.24
CA PRO A 12 -4.53 10.99 6.46
C PRO A 12 -4.31 9.49 6.46
N TYR A 13 -4.17 8.91 5.27
CA TYR A 13 -3.96 7.48 5.13
C TYR A 13 -2.90 7.18 4.07
N LYS A 14 -1.87 6.45 4.47
CA LYS A 14 -0.79 6.09 3.57
C LYS A 14 -0.48 4.60 3.64
N CYS A 15 -0.48 3.94 2.49
CA CYS A 15 -0.20 2.50 2.42
C CYS A 15 1.16 2.19 3.01
N SER A 16 1.20 1.24 3.94
CA SER A 16 2.44 0.84 4.58
C SER A 16 3.27 -0.05 3.66
N GLN A 17 2.60 -0.78 2.79
CA GLN A 17 3.28 -1.67 1.86
C GLN A 17 4.10 -0.87 0.85
N CYS A 18 3.43 0.00 0.11
CA CYS A 18 4.10 0.82 -0.90
C CYS A 18 3.98 2.30 -0.55
N GLU A 19 4.46 3.16 -1.45
CA GLU A 19 4.40 4.60 -1.24
C GLU A 19 3.06 5.17 -1.69
N LYS A 20 2.01 4.36 -1.54
CA LYS A 20 0.67 4.78 -1.93
C LYS A 20 -0.01 5.56 -0.80
N SER A 21 -0.98 6.38 -1.16
CA SER A 21 -1.71 7.18 -0.19
C SER A 21 -3.10 7.54 -0.70
N PHE A 22 -4.02 7.82 0.23
CA PHE A 22 -5.39 8.17 -0.12
C PHE A 22 -5.97 9.16 0.88
N SER A 23 -6.69 10.15 0.36
CA SER A 23 -7.30 11.18 1.21
C SER A 23 -8.36 10.57 2.11
N GLY A 24 -8.75 9.33 1.80
CA GLY A 24 -9.77 8.65 2.59
C GLY A 24 -9.24 7.38 3.23
N LYS A 25 -9.97 6.88 4.23
CA LYS A 25 -9.58 5.66 4.92
C LYS A 25 -9.86 4.43 4.06
N LEU A 26 -11.13 4.07 3.93
CA LEU A 26 -11.53 2.92 3.13
C LEU A 26 -10.59 2.73 1.95
N ARG A 27 -10.56 3.73 1.06
CA ARG A 27 -9.70 3.68 -0.11
C ARG A 27 -8.41 2.91 0.18
N LEU A 28 -7.79 3.23 1.31
CA LEU A 28 -6.55 2.57 1.70
C LEU A 28 -6.77 1.07 1.91
N LEU A 29 -7.56 0.73 2.92
CA LEU A 29 -7.84 -0.67 3.23
C LEU A 29 -8.04 -1.48 1.94
N VAL A 30 -9.08 -1.14 1.19
CA VAL A 30 -9.37 -1.82 -0.06
C VAL A 30 -8.12 -1.98 -0.91
N HIS A 31 -7.27 -0.95 -0.90
CA HIS A 31 -6.04 -0.96 -1.67
C HIS A 31 -5.02 -1.91 -1.05
N GLN A 32 -5.14 -2.12 0.26
CA GLN A 32 -4.23 -3.00 0.97
C GLN A 32 -4.56 -4.47 0.70
N ARG A 33 -5.80 -4.72 0.31
CA ARG A 33 -6.25 -6.08 0.01
C ARG A 33 -5.64 -6.58 -1.28
N MET A 34 -5.41 -5.67 -2.22
CA MET A 34 -4.83 -6.02 -3.51
C MET A 34 -3.41 -6.55 -3.35
N HIS A 35 -2.71 -6.04 -2.33
CA HIS A 35 -1.34 -6.46 -2.07
C HIS A 35 -1.29 -7.95 -1.74
N THR A 36 -2.42 -8.49 -1.28
CA THR A 36 -2.49 -9.91 -0.93
C THR A 36 -1.65 -10.76 -1.87
N ARG A 37 -0.91 -11.70 -1.30
CA ARG A 37 -0.06 -12.58 -2.08
C ARG A 37 -0.52 -14.04 -1.96
N GLU A 38 -0.50 -14.76 -3.07
CA GLU A 38 -0.91 -16.16 -3.09
C GLU A 38 -0.52 -16.86 -1.79
N LYS A 39 0.78 -16.85 -1.49
CA LYS A 39 1.29 -17.47 -0.28
C LYS A 39 2.09 -16.48 0.56
N PRO A 40 2.18 -16.75 1.86
CA PRO A 40 2.92 -15.89 2.80
C PRO A 40 4.42 -15.96 2.58
N SER A 41 4.84 -16.73 1.58
CA SER A 41 6.26 -16.89 1.28
C SER A 41 7.01 -15.59 1.54
N GLY A 42 7.71 -15.54 2.67
CA GLY A 42 8.47 -14.36 3.03
C GLY A 42 7.71 -13.43 3.95
N PRO A 43 7.32 -12.26 3.43
CA PRO A 43 6.58 -11.27 4.22
C PRO A 43 5.15 -11.72 4.54
N SER A 44 4.90 -12.05 5.79
CA SER A 44 3.59 -12.50 6.22
C SER A 44 2.93 -11.46 7.13
N SER A 45 2.06 -10.64 6.54
CA SER A 45 1.37 -9.60 7.30
C SER A 45 0.19 -10.18 8.06
N GLY A 46 0.07 -9.81 9.33
CA GLY A 46 -1.02 -10.31 10.16
C GLY A 46 -2.01 -9.23 10.51
N GLY A 1 2.70 3.33 -18.34
CA GLY A 1 3.74 4.34 -18.21
C GLY A 1 4.42 4.29 -16.86
N SER A 2 5.36 5.20 -16.63
CA SER A 2 6.08 5.26 -15.37
C SER A 2 5.72 6.52 -14.59
N SER A 3 5.26 6.34 -13.35
CA SER A 3 4.87 7.45 -12.51
C SER A 3 5.90 7.68 -11.40
N GLY A 4 6.06 8.93 -10.99
CA GLY A 4 7.01 9.27 -9.95
C GLY A 4 6.72 10.60 -9.31
N SER A 5 6.53 10.59 -7.99
CA SER A 5 6.24 11.81 -7.24
C SER A 5 7.25 12.02 -6.13
N SER A 6 8.06 13.08 -6.27
CA SER A 6 9.07 13.39 -5.28
C SER A 6 8.58 14.46 -4.31
N GLY A 7 7.67 15.30 -4.79
CA GLY A 7 7.13 16.37 -3.96
C GLY A 7 6.34 15.83 -2.78
N ALA A 8 6.92 15.95 -1.58
CA ALA A 8 6.27 15.48 -0.37
C ALA A 8 4.80 15.86 -0.35
N GLY A 9 3.94 14.89 -0.08
CA GLY A 9 2.52 15.16 -0.03
C GLY A 9 1.89 14.71 1.27
N VAL A 10 0.92 15.49 1.76
CA VAL A 10 0.23 15.17 3.01
C VAL A 10 -1.00 14.30 2.75
N ASN A 11 -1.22 13.35 3.64
CA ASN A 11 -2.36 12.44 3.52
C ASN A 11 -2.70 11.79 4.86
N PRO A 12 -3.99 11.71 5.18
CA PRO A 12 -4.47 11.11 6.43
C PRO A 12 -4.26 9.60 6.46
N TYR A 13 -4.11 9.00 5.28
CA TYR A 13 -3.91 7.56 5.17
C TYR A 13 -2.83 7.24 4.15
N LYS A 14 -1.85 6.44 4.56
CA LYS A 14 -0.76 6.05 3.67
C LYS A 14 -0.56 4.54 3.69
N CYS A 15 -0.60 3.93 2.51
CA CYS A 15 -0.42 2.48 2.39
C CYS A 15 0.92 2.05 2.99
N SER A 16 0.86 1.13 3.94
CA SER A 16 2.07 0.63 4.59
C SER A 16 2.85 -0.29 3.66
N GLN A 17 2.13 -0.96 2.77
CA GLN A 17 2.76 -1.87 1.82
C GLN A 17 3.67 -1.12 0.86
N CYS A 18 3.09 -0.19 0.11
CA CYS A 18 3.86 0.60 -0.85
C CYS A 18 3.82 2.09 -0.50
N GLU A 19 4.39 2.91 -1.35
CA GLU A 19 4.42 4.35 -1.13
C GLU A 19 3.13 5.01 -1.61
N LYS A 20 2.01 4.31 -1.42
CA LYS A 20 0.72 4.82 -1.84
C LYS A 20 0.03 5.56 -0.70
N SER A 21 -0.92 6.42 -1.04
CA SER A 21 -1.65 7.19 -0.05
C SER A 21 -3.02 7.61 -0.57
N PHE A 22 -3.89 8.03 0.33
CA PHE A 22 -5.24 8.45 -0.04
C PHE A 22 -5.82 9.40 1.01
N SER A 23 -6.82 10.18 0.59
CA SER A 23 -7.45 11.14 1.49
C SER A 23 -8.53 10.47 2.32
N GLY A 24 -8.86 9.22 1.96
CA GLY A 24 -9.88 8.49 2.69
C GLY A 24 -9.35 7.19 3.27
N LYS A 25 -9.91 6.78 4.40
CA LYS A 25 -9.50 5.54 5.06
C LYS A 25 -9.79 4.34 4.17
N LEU A 26 -11.07 3.96 4.10
CA LEU A 26 -11.49 2.82 3.30
C LEU A 26 -10.59 2.67 2.06
N ARG A 27 -10.62 3.67 1.20
CA ARG A 27 -9.82 3.65 -0.02
C ARG A 27 -8.50 2.94 0.22
N LEU A 28 -7.83 3.26 1.31
CA LEU A 28 -6.56 2.64 1.66
C LEU A 28 -6.72 1.14 1.86
N LEU A 29 -7.48 0.76 2.88
CA LEU A 29 -7.71 -0.64 3.19
C LEU A 29 -7.95 -1.45 1.92
N VAL A 30 -9.03 -1.12 1.21
CA VAL A 30 -9.38 -1.80 -0.03
C VAL A 30 -8.17 -1.89 -0.95
N HIS A 31 -7.35 -0.86 -0.94
CA HIS A 31 -6.15 -0.81 -1.79
C HIS A 31 -5.06 -1.72 -1.21
N GLN A 32 -5.02 -1.81 0.11
CA GLN A 32 -4.02 -2.65 0.78
C GLN A 32 -4.28 -4.12 0.52
N ARG A 33 -5.50 -4.45 0.13
CA ARG A 33 -5.87 -5.83 -0.14
C ARG A 33 -5.13 -6.36 -1.37
N MET A 34 -4.87 -5.47 -2.32
CA MET A 34 -4.17 -5.84 -3.54
C MET A 34 -2.85 -6.52 -3.23
N HIS A 35 -2.22 -6.12 -2.11
CA HIS A 35 -0.95 -6.68 -1.70
C HIS A 35 -1.16 -8.00 -0.96
N THR A 36 -2.01 -8.86 -1.52
CA THR A 36 -2.30 -10.15 -0.91
C THR A 36 -1.78 -11.29 -1.78
N ARG A 37 -1.44 -12.41 -1.14
CA ARG A 37 -0.94 -13.57 -1.86
C ARG A 37 -1.91 -14.74 -1.74
N GLU A 38 -1.87 -15.63 -2.73
CA GLU A 38 -2.75 -16.80 -2.74
C GLU A 38 -2.15 -17.93 -1.90
N LYS A 39 -2.54 -17.99 -0.63
CA LYS A 39 -2.05 -19.03 0.28
C LYS A 39 -3.21 -19.70 1.01
N PRO A 40 -3.21 -21.04 0.99
CA PRO A 40 -4.26 -21.84 1.64
C PRO A 40 -4.18 -21.76 3.17
N SER A 41 -4.80 -20.73 3.74
CA SER A 41 -4.80 -20.54 5.18
C SER A 41 -5.45 -21.72 5.89
N GLY A 42 -4.67 -22.42 6.71
CA GLY A 42 -5.19 -23.57 7.43
C GLY A 42 -5.51 -23.25 8.87
N PRO A 43 -4.54 -23.49 9.77
CA PRO A 43 -4.70 -23.23 11.21
C PRO A 43 -4.74 -21.74 11.52
N SER A 44 -5.95 -21.18 11.52
CA SER A 44 -6.13 -19.76 11.80
C SER A 44 -7.22 -19.55 12.86
N SER A 45 -6.91 -18.73 13.86
CA SER A 45 -7.86 -18.46 14.93
C SER A 45 -8.74 -17.26 14.58
N GLY A 46 -9.37 -17.32 13.42
CA GLY A 46 -10.23 -16.23 12.98
C GLY A 46 -9.53 -14.89 13.00
N GLY A 1 14.87 7.96 -11.06
CA GLY A 1 14.02 8.96 -10.43
C GLY A 1 14.13 10.32 -11.09
N SER A 2 13.94 10.35 -12.41
CA SER A 2 14.01 11.59 -13.16
C SER A 2 12.80 12.48 -12.88
N SER A 3 11.61 11.89 -12.95
CA SER A 3 10.37 12.62 -12.69
C SER A 3 10.13 12.78 -11.20
N GLY A 4 10.26 11.68 -10.46
CA GLY A 4 10.04 11.72 -9.02
C GLY A 4 9.19 10.56 -8.54
N SER A 5 8.22 10.87 -7.69
CA SER A 5 7.33 9.85 -7.14
C SER A 5 5.87 10.28 -7.23
N SER A 6 4.98 9.32 -7.42
CA SER A 6 3.56 9.59 -7.53
C SER A 6 2.89 9.61 -6.16
N GLY A 7 3.57 10.21 -5.19
CA GLY A 7 3.03 10.28 -3.84
C GLY A 7 2.74 11.70 -3.40
N ALA A 8 1.46 12.05 -3.32
CA ALA A 8 1.06 13.38 -2.91
C ALA A 8 1.91 13.88 -1.75
N GLY A 9 1.93 13.13 -0.66
CA GLY A 9 2.72 13.52 0.50
C GLY A 9 1.86 13.74 1.73
N VAL A 10 1.05 14.78 1.71
CA VAL A 10 0.17 15.11 2.84
C VAL A 10 -1.16 14.38 2.72
N ASN A 11 -1.28 13.27 3.45
CA ASN A 11 -2.51 12.47 3.42
C ASN A 11 -2.76 11.82 4.79
N PRO A 12 -4.04 11.75 5.17
CA PRO A 12 -4.43 11.16 6.45
C PRO A 12 -4.24 9.64 6.48
N TYR A 13 -4.05 9.06 5.30
CA TYR A 13 -3.86 7.61 5.19
C TYR A 13 -2.78 7.29 4.15
N LYS A 14 -1.78 6.53 4.56
CA LYS A 14 -0.70 6.14 3.68
C LYS A 14 -0.45 4.63 3.73
N CYS A 15 -0.55 3.98 2.58
CA CYS A 15 -0.34 2.54 2.49
C CYS A 15 1.00 2.15 3.07
N SER A 16 0.98 1.31 4.10
CA SER A 16 2.21 0.86 4.74
C SER A 16 2.99 -0.09 3.84
N GLN A 17 2.27 -0.77 2.95
CA GLN A 17 2.88 -1.71 2.03
C GLN A 17 3.79 -0.99 1.03
N CYS A 18 3.21 -0.09 0.25
CA CYS A 18 3.96 0.67 -0.74
C CYS A 18 3.90 2.16 -0.43
N GLU A 19 4.46 2.96 -1.33
CA GLU A 19 4.47 4.42 -1.16
C GLU A 19 3.17 5.04 -1.65
N LYS A 20 2.07 4.32 -1.41
CA LYS A 20 0.75 4.80 -1.82
C LYS A 20 0.07 5.56 -0.68
N SER A 21 -0.93 6.36 -1.03
CA SER A 21 -1.66 7.15 -0.04
C SER A 21 -3.04 7.53 -0.56
N PHE A 22 -3.91 7.94 0.36
CA PHE A 22 -5.28 8.32 -0.01
C PHE A 22 -5.84 9.32 0.99
N SER A 23 -6.88 10.03 0.58
CA SER A 23 -7.52 11.03 1.45
C SER A 23 -8.48 10.36 2.42
N GLY A 24 -9.00 9.21 2.03
CA GLY A 24 -9.94 8.49 2.89
C GLY A 24 -9.35 7.19 3.41
N LYS A 25 -9.88 6.73 4.54
CA LYS A 25 -9.42 5.49 5.16
C LYS A 25 -9.71 4.30 4.25
N LEU A 26 -10.97 3.89 4.20
CA LEU A 26 -11.38 2.76 3.38
C LEU A 26 -10.51 2.66 2.12
N ARG A 27 -10.60 3.67 1.28
CA ARG A 27 -9.82 3.69 0.04
C ARG A 27 -8.49 2.97 0.22
N LEU A 28 -7.79 3.29 1.30
CA LEU A 28 -6.50 2.68 1.59
C LEU A 28 -6.65 1.17 1.78
N LEU A 29 -7.48 0.78 2.74
CA LEU A 29 -7.71 -0.63 3.02
C LEU A 29 -7.99 -1.40 1.73
N VAL A 30 -9.06 -1.02 1.04
CA VAL A 30 -9.44 -1.67 -0.20
C VAL A 30 -8.23 -1.81 -1.14
N HIS A 31 -7.32 -0.84 -1.06
CA HIS A 31 -6.12 -0.86 -1.90
C HIS A 31 -5.07 -1.79 -1.33
N GLN A 32 -5.02 -1.88 0.01
CA GLN A 32 -4.04 -2.74 0.68
C GLN A 32 -4.39 -4.21 0.47
N ARG A 33 -5.63 -4.47 0.05
CA ARG A 33 -6.08 -5.84 -0.19
C ARG A 33 -5.38 -6.43 -1.41
N MET A 34 -5.19 -5.61 -2.43
CA MET A 34 -4.55 -6.06 -3.66
C MET A 34 -3.17 -6.67 -3.36
N HIS A 35 -2.53 -6.18 -2.30
CA HIS A 35 -1.22 -6.68 -1.90
C HIS A 35 -1.29 -8.16 -1.54
N THR A 36 -2.44 -8.57 -1.01
CA THR A 36 -2.63 -9.97 -0.61
C THR A 36 -2.23 -10.92 -1.73
N ARG A 37 -2.29 -12.22 -1.45
CA ARG A 37 -1.92 -13.24 -2.43
C ARG A 37 -3.01 -13.39 -3.47
N GLU A 38 -2.92 -12.61 -4.54
CA GLU A 38 -3.90 -12.66 -5.62
C GLU A 38 -3.22 -12.68 -6.98
N LYS A 39 -2.88 -13.87 -7.45
CA LYS A 39 -2.21 -14.01 -8.75
C LYS A 39 -3.22 -13.94 -9.88
N PRO A 40 -2.83 -13.26 -10.97
CA PRO A 40 -3.68 -13.10 -12.16
C PRO A 40 -3.88 -14.40 -12.92
N SER A 41 -4.97 -14.49 -13.67
CA SER A 41 -5.27 -15.69 -14.45
C SER A 41 -4.31 -15.82 -15.62
N GLY A 42 -3.85 -17.05 -15.87
CA GLY A 42 -2.94 -17.29 -16.97
C GLY A 42 -1.49 -17.30 -16.52
N PRO A 43 -1.00 -18.46 -16.05
CA PRO A 43 0.37 -18.61 -15.57
C PRO A 43 1.39 -18.55 -16.72
N SER A 44 0.91 -18.77 -17.94
CA SER A 44 1.76 -18.74 -19.11
C SER A 44 1.22 -17.78 -20.17
N SER A 45 2.03 -16.82 -20.57
CA SER A 45 1.62 -15.84 -21.57
C SER A 45 2.26 -16.15 -22.93
N GLY A 46 3.57 -16.40 -22.91
CA GLY A 46 4.28 -16.70 -24.14
C GLY A 46 5.62 -15.99 -24.23
N GLY A 1 4.15 8.96 -15.29
CA GLY A 1 3.62 10.25 -14.89
C GLY A 1 4.19 10.74 -13.58
N SER A 2 5.39 11.33 -13.63
CA SER A 2 6.05 11.83 -12.43
C SER A 2 5.18 12.85 -11.71
N SER A 3 4.61 12.45 -10.59
CA SER A 3 3.75 13.33 -9.81
C SER A 3 4.44 13.75 -8.51
N GLY A 4 4.13 14.96 -8.05
CA GLY A 4 4.72 15.46 -6.83
C GLY A 4 3.70 15.68 -5.73
N SER A 5 2.90 16.74 -5.87
CA SER A 5 1.88 17.06 -4.88
C SER A 5 0.83 15.95 -4.81
N SER A 6 0.29 15.58 -5.96
CA SER A 6 -0.73 14.54 -6.04
C SER A 6 -0.12 13.17 -5.80
N GLY A 7 -0.59 12.47 -4.78
CA GLY A 7 -0.09 11.15 -4.47
C GLY A 7 0.96 11.18 -3.37
N ALA A 8 2.22 11.15 -3.75
CA ALA A 8 3.33 11.16 -2.80
C ALA A 8 3.37 12.50 -2.04
N GLY A 9 2.49 12.62 -1.05
CA GLY A 9 2.45 13.85 -0.27
C GLY A 9 1.67 13.68 1.02
N VAL A 10 1.24 14.80 1.60
CA VAL A 10 0.48 14.76 2.85
C VAL A 10 -0.86 14.05 2.66
N ASN A 11 -1.17 13.14 3.57
CA ASN A 11 -2.42 12.39 3.50
C ASN A 11 -2.73 11.74 4.84
N PRO A 12 -4.03 11.62 5.15
CA PRO A 12 -4.50 11.02 6.41
C PRO A 12 -4.25 9.51 6.45
N TYR A 13 -4.13 8.91 5.28
CA TYR A 13 -3.90 7.47 5.18
C TYR A 13 -2.84 7.16 4.12
N LYS A 14 -1.79 6.47 4.54
CA LYS A 14 -0.70 6.11 3.62
C LYS A 14 -0.45 4.61 3.66
N CYS A 15 -0.61 3.95 2.52
CA CYS A 15 -0.40 2.52 2.41
C CYS A 15 0.94 2.13 3.03
N SER A 16 0.88 1.24 4.02
CA SER A 16 2.08 0.78 4.71
C SER A 16 2.89 -0.17 3.81
N GLN A 17 2.20 -0.80 2.87
CA GLN A 17 2.85 -1.73 1.95
C GLN A 17 3.74 -0.99 0.97
N CYS A 18 3.14 -0.12 0.17
CA CYS A 18 3.90 0.65 -0.82
C CYS A 18 3.80 2.14 -0.52
N GLU A 19 4.35 2.96 -1.43
CA GLU A 19 4.33 4.40 -1.27
C GLU A 19 3.00 4.98 -1.73
N LYS A 20 1.91 4.28 -1.43
CA LYS A 20 0.57 4.72 -1.81
C LYS A 20 -0.09 5.48 -0.68
N SER A 21 -1.07 6.31 -1.02
CA SER A 21 -1.80 7.10 -0.03
C SER A 21 -3.19 7.48 -0.55
N PHE A 22 -4.06 7.88 0.38
CA PHE A 22 -5.41 8.27 0.02
C PHE A 22 -5.98 9.26 1.03
N SER A 23 -6.98 10.04 0.60
CA SER A 23 -7.59 11.04 1.47
C SER A 23 -8.58 10.39 2.42
N GLY A 24 -9.04 9.18 2.07
CA GLY A 24 -9.98 8.47 2.91
C GLY A 24 -9.40 7.19 3.48
N LYS A 25 -10.00 6.71 4.57
CA LYS A 25 -9.54 5.49 5.21
C LYS A 25 -9.79 4.28 4.32
N LEU A 26 -11.06 4.03 4.03
CA LEU A 26 -11.44 2.89 3.19
C LEU A 26 -10.51 2.78 1.97
N ARG A 27 -10.52 3.80 1.13
CA ARG A 27 -9.69 3.81 -0.06
C ARG A 27 -8.37 3.08 0.18
N LEU A 28 -7.73 3.39 1.30
CA LEU A 28 -6.46 2.76 1.65
C LEU A 28 -6.64 1.25 1.83
N LEU A 29 -7.46 0.86 2.80
CA LEU A 29 -7.72 -0.55 3.07
C LEU A 29 -7.96 -1.31 1.78
N VAL A 30 -9.04 -0.97 1.08
CA VAL A 30 -9.39 -1.63 -0.18
C VAL A 30 -8.17 -1.73 -1.09
N HIS A 31 -7.27 -0.74 -0.99
CA HIS A 31 -6.07 -0.72 -1.81
C HIS A 31 -5.00 -1.64 -1.23
N GLN A 32 -4.99 -1.75 0.09
CA GLN A 32 -4.01 -2.60 0.78
C GLN A 32 -4.29 -4.08 0.51
N ARG A 33 -5.52 -4.38 0.12
CA ARG A 33 -5.92 -5.75 -0.17
C ARG A 33 -5.12 -6.33 -1.34
N MET A 34 -4.81 -5.47 -2.29
CA MET A 34 -4.04 -5.88 -3.47
C MET A 34 -2.74 -6.54 -3.06
N HIS A 35 -2.16 -6.07 -1.95
CA HIS A 35 -0.91 -6.62 -1.45
C HIS A 35 -1.15 -7.90 -0.65
N THR A 36 -1.99 -8.78 -1.20
CA THR A 36 -2.31 -10.04 -0.53
C THR A 36 -1.68 -11.22 -1.27
N ARG A 37 -1.15 -12.17 -0.52
CA ARG A 37 -0.52 -13.35 -1.10
C ARG A 37 -0.74 -14.57 -0.22
N GLU A 38 -1.20 -15.66 -0.82
CA GLU A 38 -1.46 -16.89 -0.09
C GLU A 38 -0.44 -17.97 -0.48
N LYS A 39 -0.17 -18.09 -1.77
CA LYS A 39 0.77 -19.08 -2.27
C LYS A 39 1.26 -18.70 -3.67
N PRO A 40 2.54 -18.99 -3.95
CA PRO A 40 3.16 -18.70 -5.24
C PRO A 40 2.62 -19.60 -6.35
N SER A 41 1.98 -18.97 -7.35
CA SER A 41 1.41 -19.71 -8.47
C SER A 41 2.51 -20.30 -9.35
N GLY A 42 3.45 -19.43 -9.75
CA GLY A 42 4.54 -19.87 -10.60
C GLY A 42 5.90 -19.66 -9.96
N PRO A 43 6.96 -19.83 -10.75
CA PRO A 43 8.34 -19.66 -10.26
C PRO A 43 8.67 -18.20 -9.98
N SER A 44 8.75 -17.86 -8.70
CA SER A 44 9.06 -16.49 -8.28
C SER A 44 10.53 -16.38 -7.84
N SER A 45 11.24 -15.43 -8.45
CA SER A 45 12.65 -15.21 -8.12
C SER A 45 12.86 -15.22 -6.62
N GLY A 46 14.08 -15.58 -6.20
CA GLY A 46 14.39 -15.63 -4.79
C GLY A 46 15.12 -16.90 -4.40
N GLY A 1 13.18 2.31 3.34
CA GLY A 1 14.28 3.15 2.87
C GLY A 1 13.96 4.62 2.93
N SER A 2 13.69 5.12 4.13
CA SER A 2 13.35 6.53 4.32
C SER A 2 13.81 7.01 5.69
N SER A 3 14.33 8.24 5.74
CA SER A 3 14.80 8.82 6.99
C SER A 3 13.94 10.01 7.40
N GLY A 4 13.21 9.84 8.49
CA GLY A 4 12.35 10.91 8.97
C GLY A 4 10.89 10.52 8.99
N SER A 5 10.21 10.73 7.85
CA SER A 5 8.79 10.39 7.74
C SER A 5 8.48 9.84 6.36
N SER A 6 7.69 8.76 6.32
CA SER A 6 7.32 8.13 5.06
C SER A 6 5.81 8.17 4.87
N GLY A 7 5.07 7.72 5.89
CA GLY A 7 3.62 7.72 5.80
C GLY A 7 3.01 9.01 6.30
N ALA A 8 3.32 9.38 7.54
CA ALA A 8 2.79 10.60 8.15
C ALA A 8 3.11 11.81 7.28
N GLY A 9 2.17 12.19 6.42
CA GLY A 9 2.38 13.33 5.56
C GLY A 9 1.12 14.14 5.35
N VAL A 10 1.01 14.80 4.20
CA VAL A 10 -0.16 15.61 3.89
C VAL A 10 -1.40 14.75 3.71
N ASN A 11 -1.19 13.45 3.57
CA ASN A 11 -2.29 12.51 3.40
C ASN A 11 -2.67 11.87 4.73
N PRO A 12 -3.99 11.76 4.98
CA PRO A 12 -4.52 11.17 6.21
C PRO A 12 -4.29 9.66 6.27
N TYR A 13 -4.05 9.06 5.11
CA TYR A 13 -3.82 7.62 5.03
C TYR A 13 -2.75 7.30 3.99
N LYS A 14 -1.79 6.46 4.38
CA LYS A 14 -0.72 6.06 3.48
C LYS A 14 -0.50 4.55 3.52
N CYS A 15 -0.58 3.91 2.35
CA CYS A 15 -0.39 2.47 2.27
C CYS A 15 0.96 2.06 2.85
N SER A 16 0.91 1.22 3.89
CA SER A 16 2.13 0.76 4.54
C SER A 16 2.90 -0.19 3.63
N GLN A 17 2.20 -0.84 2.72
CA GLN A 17 2.82 -1.77 1.79
C GLN A 17 3.73 -1.04 0.80
N CYS A 18 3.13 -0.18 -0.01
CA CYS A 18 3.88 0.59 -1.00
C CYS A 18 3.83 2.08 -0.68
N GLU A 19 4.40 2.89 -1.57
CA GLU A 19 4.42 4.33 -1.38
C GLU A 19 3.13 4.97 -1.84
N LYS A 20 2.02 4.25 -1.65
CA LYS A 20 0.71 4.75 -2.06
C LYS A 20 0.03 5.50 -0.91
N SER A 21 -0.92 6.35 -1.25
CA SER A 21 -1.64 7.13 -0.25
C SER A 21 -3.03 7.51 -0.75
N PHE A 22 -3.90 7.94 0.17
CA PHE A 22 -5.25 8.34 -0.18
C PHE A 22 -5.80 9.34 0.84
N SER A 23 -6.79 10.12 0.41
CA SER A 23 -7.41 11.11 1.28
C SER A 23 -8.47 10.47 2.18
N GLY A 24 -8.86 9.25 1.83
CA GLY A 24 -9.86 8.55 2.61
C GLY A 24 -9.33 7.25 3.19
N LYS A 25 -9.86 6.86 4.35
CA LYS A 25 -9.43 5.63 5.01
C LYS A 25 -9.75 4.41 4.14
N LEU A 26 -11.02 4.04 4.09
CA LEU A 26 -11.45 2.89 3.30
C LEU A 26 -10.56 2.72 2.07
N ARG A 27 -10.59 3.70 1.18
CA ARG A 27 -9.80 3.66 -0.04
C ARG A 27 -8.49 2.92 0.20
N LEU A 28 -7.80 3.27 1.29
CA LEU A 28 -6.54 2.64 1.62
C LEU A 28 -6.71 1.14 1.86
N LEU A 29 -7.49 0.79 2.87
CA LEU A 29 -7.74 -0.61 3.20
C LEU A 29 -8.00 -1.42 1.93
N VAL A 30 -9.08 -1.09 1.23
CA VAL A 30 -9.44 -1.78 0.00
C VAL A 30 -8.24 -1.91 -0.93
N HIS A 31 -7.37 -0.91 -0.89
CA HIS A 31 -6.17 -0.91 -1.73
C HIS A 31 -5.08 -1.81 -1.14
N GLN A 32 -5.05 -1.88 0.19
CA GLN A 32 -4.06 -2.71 0.87
C GLN A 32 -4.34 -4.19 0.66
N ARG A 33 -5.59 -4.50 0.33
CA ARG A 33 -6.00 -5.88 0.10
C ARG A 33 -5.23 -6.49 -1.07
N MET A 34 -4.90 -5.65 -2.05
CA MET A 34 -4.17 -6.11 -3.23
C MET A 34 -2.84 -6.72 -2.83
N HIS A 35 -2.24 -6.21 -1.76
CA HIS A 35 -0.97 -6.71 -1.28
C HIS A 35 -1.16 -7.95 -0.41
N THR A 36 -2.02 -8.86 -0.86
CA THR A 36 -2.30 -10.09 -0.12
C THR A 36 -1.75 -11.30 -0.86
N ARG A 37 -1.42 -12.34 -0.10
CA ARG A 37 -0.87 -13.57 -0.68
C ARG A 37 -0.90 -14.70 0.34
N GLU A 38 -0.75 -15.93 -0.15
CA GLU A 38 -0.76 -17.10 0.72
C GLU A 38 0.58 -17.85 0.64
N LYS A 39 1.67 -17.08 0.69
CA LYS A 39 3.01 -17.67 0.64
C LYS A 39 3.88 -17.13 1.76
N PRO A 40 4.74 -18.01 2.32
CA PRO A 40 5.65 -17.64 3.41
C PRO A 40 6.75 -16.70 2.95
N SER A 41 6.53 -15.40 3.12
CA SER A 41 7.51 -14.40 2.72
C SER A 41 8.80 -14.55 3.52
N GLY A 42 8.67 -14.57 4.85
CA GLY A 42 9.82 -14.71 5.70
C GLY A 42 9.95 -16.10 6.29
N PRO A 43 11.18 -16.49 6.65
CA PRO A 43 11.46 -17.80 7.23
C PRO A 43 10.90 -17.94 8.64
N SER A 44 11.16 -16.95 9.48
CA SER A 44 10.68 -16.96 10.86
C SER A 44 10.01 -15.64 11.22
N SER A 45 8.71 -15.70 11.51
CA SER A 45 7.95 -14.52 11.86
C SER A 45 8.06 -13.46 10.76
N GLY A 46 7.78 -13.86 9.53
CA GLY A 46 7.86 -12.94 8.41
C GLY A 46 7.02 -11.70 8.63
N GLY A 1 19.39 5.95 0.35
CA GLY A 1 20.29 7.09 0.37
C GLY A 1 19.71 8.26 1.14
N SER A 2 20.10 9.48 0.76
CA SER A 2 19.62 10.68 1.42
C SER A 2 19.01 11.64 0.39
N SER A 3 17.70 11.58 0.24
CA SER A 3 17.00 12.45 -0.70
C SER A 3 16.61 13.77 -0.04
N GLY A 4 16.80 14.87 -0.76
CA GLY A 4 16.47 16.17 -0.24
C GLY A 4 14.99 16.31 0.11
N SER A 5 14.31 17.18 -0.61
CA SER A 5 12.89 17.40 -0.36
C SER A 5 12.04 16.73 -1.44
N SER A 6 11.34 15.66 -1.05
CA SER A 6 10.50 14.91 -1.98
C SER A 6 9.12 14.65 -1.37
N GLY A 7 8.12 14.55 -2.23
CA GLY A 7 6.76 14.31 -1.77
C GLY A 7 6.07 15.58 -1.33
N ALA A 8 4.88 15.81 -1.88
CA ALA A 8 4.09 17.00 -1.55
C ALA A 8 2.61 16.68 -1.46
N GLY A 9 1.98 17.10 -0.37
CA GLY A 9 0.57 16.84 -0.17
C GLY A 9 0.30 15.79 0.88
N VAL A 10 0.40 16.19 2.14
CA VAL A 10 0.17 15.27 3.25
C VAL A 10 -1.12 14.48 3.05
N ASN A 11 -1.16 13.26 3.58
CA ASN A 11 -2.33 12.41 3.46
C ASN A 11 -2.69 11.78 4.81
N PRO A 12 -4.00 11.66 5.08
CA PRO A 12 -4.50 11.08 6.32
C PRO A 12 -4.23 9.57 6.41
N TYR A 13 -4.12 8.94 5.26
CA TYR A 13 -3.87 7.50 5.20
C TYR A 13 -2.82 7.16 4.15
N LYS A 14 -1.73 6.54 4.56
CA LYS A 14 -0.66 6.16 3.65
C LYS A 14 -0.41 4.66 3.69
N CYS A 15 -0.59 4.01 2.55
CA CYS A 15 -0.38 2.56 2.45
C CYS A 15 1.00 2.17 2.99
N SER A 16 1.01 1.31 4.01
CA SER A 16 2.25 0.87 4.62
C SER A 16 3.00 -0.08 3.68
N GLN A 17 2.25 -0.81 2.87
CA GLN A 17 2.84 -1.76 1.93
C GLN A 17 3.76 -1.05 0.95
N CYS A 18 3.20 -0.14 0.17
CA CYS A 18 3.97 0.63 -0.81
C CYS A 18 3.93 2.12 -0.50
N GLU A 19 4.52 2.91 -1.39
CA GLU A 19 4.55 4.36 -1.21
C GLU A 19 3.25 4.99 -1.69
N LYS A 20 2.14 4.32 -1.44
CA LYS A 20 0.82 4.80 -1.85
C LYS A 20 0.17 5.59 -0.72
N SER A 21 -0.92 6.27 -1.05
CA SER A 21 -1.65 7.06 -0.06
C SER A 21 -3.04 7.43 -0.57
N PHE A 22 -3.93 7.79 0.35
CA PHE A 22 -5.29 8.16 -0.01
C PHE A 22 -5.90 9.10 1.04
N SER A 23 -6.73 10.02 0.58
CA SER A 23 -7.36 10.98 1.47
C SER A 23 -8.45 10.31 2.31
N GLY A 24 -8.93 9.16 1.84
CA GLY A 24 -9.96 8.44 2.55
C GLY A 24 -9.46 7.12 3.13
N LYS A 25 -9.83 6.85 4.37
CA LYS A 25 -9.41 5.61 5.03
C LYS A 25 -9.71 4.40 4.17
N LEU A 26 -10.98 4.02 4.10
CA LEU A 26 -11.40 2.87 3.30
C LEU A 26 -10.50 2.72 2.08
N ARG A 27 -10.54 3.70 1.18
CA ARG A 27 -9.74 3.66 -0.03
C ARG A 27 -8.43 2.91 0.20
N LEU A 28 -7.76 3.23 1.30
CA LEU A 28 -6.50 2.58 1.65
C LEU A 28 -6.70 1.09 1.89
N LEU A 29 -7.52 0.77 2.88
CA LEU A 29 -7.78 -0.63 3.22
C LEU A 29 -8.03 -1.46 1.96
N VAL A 30 -9.03 -1.04 1.17
CA VAL A 30 -9.36 -1.73 -0.06
C VAL A 30 -8.14 -1.88 -0.96
N HIS A 31 -7.32 -0.83 -1.01
CA HIS A 31 -6.11 -0.84 -1.82
C HIS A 31 -5.05 -1.75 -1.23
N GLN A 32 -5.07 -1.89 0.10
CA GLN A 32 -4.11 -2.73 0.79
C GLN A 32 -4.41 -4.21 0.56
N ARG A 33 -5.65 -4.49 0.16
CA ARG A 33 -6.08 -5.87 -0.09
C ARG A 33 -5.45 -6.41 -1.37
N MET A 34 -5.31 -5.54 -2.37
CA MET A 34 -4.72 -5.93 -3.64
C MET A 34 -3.36 -6.57 -3.44
N HIS A 35 -2.55 -5.99 -2.54
CA HIS A 35 -1.23 -6.51 -2.25
C HIS A 35 -1.27 -8.01 -1.98
N THR A 36 -2.37 -8.46 -1.36
CA THR A 36 -2.53 -9.87 -1.04
C THR A 36 -1.90 -10.75 -2.11
N ARG A 37 -1.26 -11.84 -1.66
CA ARG A 37 -0.62 -12.77 -2.59
C ARG A 37 -1.27 -14.14 -2.51
N GLU A 38 -1.43 -14.78 -3.67
CA GLU A 38 -2.05 -16.10 -3.74
C GLU A 38 -1.07 -17.13 -4.30
N LYS A 39 0.16 -17.11 -3.79
CA LYS A 39 1.19 -18.04 -4.22
C LYS A 39 0.66 -19.47 -4.27
N PRO A 40 1.21 -20.28 -5.18
CA PRO A 40 0.81 -21.68 -5.34
C PRO A 40 1.23 -22.54 -4.15
N SER A 41 2.48 -22.38 -3.72
CA SER A 41 3.00 -23.15 -2.59
C SER A 41 2.22 -22.85 -1.32
N GLY A 42 1.55 -23.88 -0.80
CA GLY A 42 0.77 -23.71 0.42
C GLY A 42 1.48 -22.86 1.45
N PRO A 43 2.23 -23.50 2.35
CA PRO A 43 2.97 -22.82 3.40
C PRO A 43 4.14 -22.01 2.86
N SER A 44 4.26 -20.76 3.30
CA SER A 44 5.33 -19.88 2.86
C SER A 44 6.65 -20.65 2.73
N SER A 45 7.07 -21.27 3.82
CA SER A 45 8.31 -22.04 3.83
C SER A 45 8.07 -23.44 4.39
N GLY A 46 8.02 -24.43 3.49
CA GLY A 46 7.80 -25.80 3.91
C GLY A 46 7.34 -26.69 2.77
N GLY A 1 22.48 22.64 15.03
CA GLY A 1 21.21 23.09 14.50
C GLY A 1 20.03 22.32 15.07
N SER A 2 18.99 22.15 14.26
CA SER A 2 17.79 21.44 14.70
C SER A 2 16.92 21.07 13.50
N SER A 3 16.64 19.77 13.36
CA SER A 3 15.82 19.28 12.27
C SER A 3 15.36 17.84 12.53
N GLY A 4 14.19 17.50 12.01
CA GLY A 4 13.65 16.17 12.20
C GLY A 4 12.37 15.93 11.42
N SER A 5 12.42 16.22 10.12
CA SER A 5 11.26 16.04 9.26
C SER A 5 11.62 15.26 8.00
N SER A 6 11.53 13.94 8.09
CA SER A 6 11.85 13.08 6.96
C SER A 6 10.63 12.88 6.06
N GLY A 7 10.50 13.74 5.05
CA GLY A 7 9.39 13.65 4.14
C GLY A 7 8.04 13.73 4.84
N ALA A 8 7.47 14.93 4.88
CA ALA A 8 6.18 15.13 5.52
C ALA A 8 5.08 14.39 4.79
N GLY A 9 3.97 14.13 5.50
CA GLY A 9 2.86 13.43 4.90
C GLY A 9 1.55 14.17 5.07
N VAL A 10 1.05 14.75 3.98
CA VAL A 10 -0.20 15.50 4.02
C VAL A 10 -1.40 14.56 4.00
N ASN A 11 -1.27 13.46 3.25
CA ASN A 11 -2.35 12.48 3.15
C ASN A 11 -2.68 11.89 4.52
N PRO A 12 -3.99 11.77 4.81
CA PRO A 12 -4.47 11.22 6.07
C PRO A 12 -4.19 9.72 6.19
N TYR A 13 -4.08 9.04 5.05
CA TYR A 13 -3.81 7.61 5.04
C TYR A 13 -2.77 7.26 3.99
N LYS A 14 -1.74 6.53 4.42
CA LYS A 14 -0.67 6.12 3.52
C LYS A 14 -0.46 4.61 3.55
N CYS A 15 -0.57 3.98 2.39
CA CYS A 15 -0.40 2.53 2.29
C CYS A 15 0.96 2.11 2.86
N SER A 16 0.92 1.24 3.86
CA SER A 16 2.15 0.75 4.49
C SER A 16 2.90 -0.19 3.56
N GLN A 17 2.16 -0.90 2.72
CA GLN A 17 2.77 -1.83 1.78
C GLN A 17 3.69 -1.11 0.80
N CYS A 18 3.11 -0.22 0.00
CA CYS A 18 3.89 0.54 -0.97
C CYS A 18 3.83 2.04 -0.66
N GLU A 19 4.41 2.85 -1.54
CA GLU A 19 4.42 4.29 -1.36
C GLU A 19 3.10 4.91 -1.85
N LYS A 20 2.00 4.23 -1.55
CA LYS A 20 0.68 4.72 -1.96
C LYS A 20 0.00 5.46 -0.82
N SER A 21 -0.99 6.27 -1.15
CA SER A 21 -1.72 7.05 -0.16
C SER A 21 -3.11 7.42 -0.67
N PHE A 22 -3.99 7.83 0.26
CA PHE A 22 -5.34 8.21 -0.10
C PHE A 22 -5.91 9.20 0.92
N SER A 23 -6.83 10.04 0.46
CA SER A 23 -7.44 11.04 1.33
C SER A 23 -8.53 10.40 2.20
N GLY A 24 -8.93 9.19 1.84
CA GLY A 24 -9.95 8.49 2.59
C GLY A 24 -9.46 7.17 3.15
N LYS A 25 -9.82 6.89 4.40
CA LYS A 25 -9.41 5.66 5.05
C LYS A 25 -9.72 4.45 4.18
N LEU A 26 -11.00 4.10 4.09
CA LEU A 26 -11.43 2.96 3.30
C LEU A 26 -10.52 2.77 2.08
N ARG A 27 -10.52 3.76 1.19
CA ARG A 27 -9.70 3.70 0.00
C ARG A 27 -8.40 2.95 0.25
N LEU A 28 -7.74 3.28 1.35
CA LEU A 28 -6.49 2.63 1.73
C LEU A 28 -6.69 1.13 1.93
N LEU A 29 -7.50 0.78 2.92
CA LEU A 29 -7.77 -0.63 3.22
C LEU A 29 -8.03 -1.41 1.93
N VAL A 30 -9.05 -1.01 1.19
CA VAL A 30 -9.40 -1.67 -0.06
C VAL A 30 -8.18 -1.79 -0.97
N HIS A 31 -7.28 -0.81 -0.90
CA HIS A 31 -6.08 -0.80 -1.71
C HIS A 31 -5.01 -1.72 -1.11
N GLN A 32 -5.03 -1.84 0.22
CA GLN A 32 -4.07 -2.69 0.91
C GLN A 32 -4.35 -4.16 0.66
N ARG A 33 -5.59 -4.47 0.27
CA ARG A 33 -6.00 -5.84 0.00
C ARG A 33 -5.21 -6.42 -1.17
N MET A 34 -4.86 -5.56 -2.13
CA MET A 34 -4.11 -5.99 -3.30
C MET A 34 -2.79 -6.64 -2.89
N HIS A 35 -2.26 -6.23 -1.74
CA HIS A 35 -1.01 -6.78 -1.23
C HIS A 35 -1.26 -8.02 -0.39
N THR A 36 -2.16 -8.88 -0.86
CA THR A 36 -2.49 -10.11 -0.14
C THR A 36 -2.08 -11.34 -0.94
N ARG A 37 -1.55 -12.34 -0.24
CA ARG A 37 -1.10 -13.57 -0.88
C ARG A 37 -2.18 -14.11 -1.83
N GLU A 38 -2.09 -13.74 -3.10
CA GLU A 38 -3.05 -14.19 -4.09
C GLU A 38 -2.42 -15.20 -5.04
N LYS A 39 -2.70 -16.48 -4.79
CA LYS A 39 -2.17 -17.55 -5.62
C LYS A 39 -2.61 -17.39 -7.07
N PRO A 40 -1.66 -17.58 -8.00
CA PRO A 40 -1.94 -17.48 -9.44
C PRO A 40 -2.82 -18.60 -9.95
N SER A 41 -2.47 -19.83 -9.60
CA SER A 41 -3.23 -21.00 -10.02
C SER A 41 -4.23 -21.43 -8.95
N GLY A 42 -5.46 -21.67 -9.36
CA GLY A 42 -6.49 -22.09 -8.42
C GLY A 42 -7.19 -23.36 -8.84
N PRO A 43 -8.12 -23.25 -9.79
CA PRO A 43 -8.88 -24.40 -10.31
C PRO A 43 -8.01 -25.33 -11.14
N SER A 44 -8.00 -26.61 -10.75
CA SER A 44 -7.20 -27.60 -11.46
C SER A 44 -7.73 -29.02 -11.18
N SER A 45 -7.22 -29.99 -11.92
CA SER A 45 -7.64 -31.38 -11.76
C SER A 45 -6.56 -32.20 -11.05
N GLY A 46 -5.32 -32.03 -11.50
CA GLY A 46 -4.22 -32.76 -10.89
C GLY A 46 -3.12 -33.08 -11.89
N GLY A 1 11.42 19.94 8.81
CA GLY A 1 11.97 19.34 7.61
C GLY A 1 12.70 20.36 6.74
N SER A 2 13.18 19.91 5.59
CA SER A 2 13.90 20.78 4.66
C SER A 2 12.98 21.87 4.12
N SER A 3 13.58 22.99 3.72
CA SER A 3 12.81 24.11 3.17
C SER A 3 12.64 23.97 1.66
N GLY A 4 11.39 23.94 1.22
CA GLY A 4 11.11 23.80 -0.20
C GLY A 4 10.38 22.52 -0.53
N SER A 5 10.96 21.73 -1.42
CA SER A 5 10.35 20.46 -1.83
C SER A 5 10.61 19.38 -0.78
N SER A 6 9.59 19.10 0.03
CA SER A 6 9.70 18.08 1.07
C SER A 6 8.40 17.28 1.19
N GLY A 7 8.54 15.96 1.25
CA GLY A 7 7.38 15.10 1.37
C GLY A 7 6.58 15.03 0.08
N ALA A 8 5.72 14.03 -0.02
CA ALA A 8 4.89 13.85 -1.21
C ALA A 8 3.44 14.21 -0.93
N GLY A 9 3.24 15.28 -0.16
CA GLY A 9 1.89 15.72 0.17
C GLY A 9 1.42 15.17 1.51
N VAL A 10 0.46 15.86 2.11
CA VAL A 10 -0.07 15.44 3.40
C VAL A 10 -1.36 14.63 3.23
N ASN A 11 -1.31 13.37 3.64
CA ASN A 11 -2.46 12.49 3.53
C ASN A 11 -2.77 11.83 4.87
N PRO A 12 -4.07 11.69 5.17
CA PRO A 12 -4.53 11.08 6.43
C PRO A 12 -4.27 9.57 6.46
N TYR A 13 -4.09 8.99 5.29
CA TYR A 13 -3.83 7.55 5.18
C TYR A 13 -2.76 7.26 4.14
N LYS A 14 -1.78 6.46 4.52
CA LYS A 14 -0.69 6.09 3.63
C LYS A 14 -0.42 4.59 3.66
N CYS A 15 -0.55 3.94 2.52
CA CYS A 15 -0.32 2.50 2.43
C CYS A 15 1.05 2.14 3.01
N SER A 16 1.04 1.27 4.02
CA SER A 16 2.28 0.84 4.65
C SER A 16 3.07 -0.09 3.73
N GLN A 17 2.36 -0.79 2.87
CA GLN A 17 3.00 -1.71 1.93
C GLN A 17 3.90 -0.96 0.95
N CYS A 18 3.30 -0.09 0.14
CA CYS A 18 4.04 0.68 -0.84
C CYS A 18 3.97 2.17 -0.52
N GLU A 19 4.52 2.99 -1.41
CA GLU A 19 4.52 4.44 -1.21
C GLU A 19 3.20 5.05 -1.69
N LYS A 20 2.12 4.30 -1.53
CA LYS A 20 0.80 4.76 -1.92
C LYS A 20 0.11 5.52 -0.79
N SER A 21 -0.88 6.33 -1.14
CA SER A 21 -1.61 7.10 -0.14
C SER A 21 -3.01 7.43 -0.64
N PHE A 22 -3.88 7.84 0.28
CA PHE A 22 -5.26 8.20 -0.06
C PHE A 22 -5.83 9.18 0.95
N SER A 23 -6.78 9.99 0.48
CA SER A 23 -7.41 10.99 1.34
C SER A 23 -8.58 10.39 2.10
N GLY A 24 -8.71 9.07 2.05
CA GLY A 24 -9.79 8.39 2.73
C GLY A 24 -9.38 7.03 3.26
N LYS A 25 -9.69 6.77 4.52
CA LYS A 25 -9.36 5.50 5.15
C LYS A 25 -9.66 4.33 4.22
N LEU A 26 -10.94 4.01 4.09
CA LEU A 26 -11.36 2.91 3.23
C LEU A 26 -10.46 2.78 2.01
N ARG A 27 -10.47 3.80 1.16
CA ARG A 27 -9.64 3.80 -0.04
C ARG A 27 -8.34 3.03 0.20
N LEU A 28 -7.68 3.32 1.30
CA LEU A 28 -6.43 2.65 1.65
C LEU A 28 -6.65 1.15 1.84
N LEU A 29 -7.51 0.80 2.79
CA LEU A 29 -7.81 -0.60 3.07
C LEU A 29 -8.06 -1.37 1.79
N VAL A 30 -9.07 -0.94 1.04
CA VAL A 30 -9.42 -1.60 -0.23
C VAL A 30 -8.19 -1.77 -1.11
N HIS A 31 -7.27 -0.81 -1.02
CA HIS A 31 -6.04 -0.87 -1.83
C HIS A 31 -5.03 -1.81 -1.19
N GLN A 32 -5.12 -1.98 0.12
CA GLN A 32 -4.20 -2.86 0.84
C GLN A 32 -4.58 -4.32 0.64
N ARG A 33 -5.81 -4.56 0.18
CA ARG A 33 -6.30 -5.91 -0.05
C ARG A 33 -5.61 -6.53 -1.26
N MET A 34 -5.41 -5.74 -2.30
CA MET A 34 -4.77 -6.20 -3.52
C MET A 34 -3.42 -6.86 -3.21
N HIS A 35 -2.67 -6.25 -2.29
CA HIS A 35 -1.37 -6.77 -1.90
C HIS A 35 -1.46 -8.24 -1.52
N THR A 36 -2.63 -8.65 -1.03
CA THR A 36 -2.86 -10.03 -0.63
C THR A 36 -2.13 -11.00 -1.57
N ARG A 37 -1.78 -12.17 -1.04
CA ARG A 37 -1.08 -13.18 -1.82
C ARG A 37 -1.77 -14.53 -1.68
N GLU A 38 -1.46 -15.45 -2.59
CA GLU A 38 -2.04 -16.78 -2.57
C GLU A 38 -0.95 -17.85 -2.48
N LYS A 39 -0.47 -18.10 -1.26
CA LYS A 39 0.57 -19.09 -1.03
C LYS A 39 0.03 -20.26 -0.21
N PRO A 40 0.62 -21.44 -0.42
CA PRO A 40 0.23 -22.66 0.30
C PRO A 40 0.61 -22.62 1.78
N SER A 41 -0.36 -22.29 2.62
CA SER A 41 -0.13 -22.20 4.06
C SER A 41 -0.49 -23.52 4.74
N GLY A 42 0.53 -24.25 5.19
CA GLY A 42 0.30 -25.52 5.84
C GLY A 42 1.58 -26.29 6.07
N PRO A 43 1.53 -27.62 5.81
CA PRO A 43 2.69 -28.50 5.98
C PRO A 43 3.77 -28.24 4.94
N SER A 44 3.51 -27.29 4.03
CA SER A 44 4.46 -26.95 2.98
C SER A 44 5.89 -27.04 3.51
N SER A 45 6.15 -26.37 4.63
CA SER A 45 7.48 -26.37 5.23
C SER A 45 7.39 -26.48 6.74
N GLY A 46 8.47 -26.96 7.36
CA GLY A 46 8.49 -27.11 8.81
C GLY A 46 9.25 -28.34 9.25
N GLY A 1 8.98 7.03 -10.36
CA GLY A 1 10.23 7.40 -10.99
C GLY A 1 10.80 8.69 -10.44
N SER A 2 11.85 9.20 -11.08
CA SER A 2 12.49 10.44 -10.64
C SER A 2 11.68 11.66 -11.09
N SER A 3 11.18 12.42 -10.12
CA SER A 3 10.39 13.60 -10.41
C SER A 3 11.28 14.85 -10.48
N GLY A 4 11.94 15.15 -9.36
CA GLY A 4 12.81 16.32 -9.31
C GLY A 4 12.47 17.24 -8.17
N SER A 5 11.49 18.11 -8.39
CA SER A 5 11.07 19.07 -7.36
C SER A 5 9.82 18.59 -6.66
N SER A 6 9.77 17.30 -6.34
CA SER A 6 8.62 16.72 -5.66
C SER A 6 9.01 16.17 -4.29
N GLY A 7 8.63 16.89 -3.25
CA GLY A 7 8.95 16.45 -1.90
C GLY A 7 7.95 15.47 -1.34
N ALA A 8 7.07 15.95 -0.47
CA ALA A 8 6.04 15.10 0.12
C ALA A 8 4.78 15.89 0.42
N GLY A 9 3.64 15.34 0.03
CA GLY A 9 2.36 16.00 0.27
C GLY A 9 1.68 15.54 1.54
N VAL A 10 0.48 16.04 1.79
CA VAL A 10 -0.28 15.68 2.97
C VAL A 10 -1.27 14.56 2.66
N ASN A 11 -1.43 13.64 3.61
CA ASN A 11 -2.34 12.52 3.46
C ASN A 11 -2.67 11.87 4.79
N PRO A 12 -3.96 11.80 5.13
CA PRO A 12 -4.43 11.21 6.39
C PRO A 12 -4.24 9.70 6.42
N TYR A 13 -4.14 9.10 5.24
CA TYR A 13 -3.95 7.65 5.13
C TYR A 13 -2.88 7.31 4.10
N LYS A 14 -1.92 6.49 4.50
CA LYS A 14 -0.84 6.08 3.61
C LYS A 14 -0.63 4.57 3.65
N CYS A 15 -0.67 3.94 2.49
CA CYS A 15 -0.49 2.50 2.38
C CYS A 15 0.85 2.07 3.00
N SER A 16 0.79 1.21 4.00
CA SER A 16 1.98 0.73 4.68
C SER A 16 2.79 -0.18 3.77
N GLN A 17 2.10 -0.84 2.83
CA GLN A 17 2.75 -1.73 1.89
C GLN A 17 3.69 -0.96 0.96
N CYS A 18 3.11 -0.07 0.17
CA CYS A 18 3.89 0.73 -0.77
C CYS A 18 3.74 2.23 -0.47
N GLU A 19 4.59 3.03 -1.10
CA GLU A 19 4.56 4.48 -0.88
C GLU A 19 3.17 5.04 -1.17
N LYS A 20 2.32 4.23 -1.81
CA LYS A 20 0.97 4.65 -2.14
C LYS A 20 0.32 5.38 -0.97
N SER A 21 -0.73 6.14 -1.27
CA SER A 21 -1.43 6.89 -0.23
C SER A 21 -2.82 7.29 -0.72
N PHE A 22 -3.69 7.66 0.24
CA PHE A 22 -5.05 8.06 -0.09
C PHE A 22 -5.62 8.97 0.99
N SER A 23 -6.61 9.77 0.63
CA SER A 23 -7.24 10.69 1.56
C SER A 23 -8.53 10.10 2.12
N GLY A 24 -8.52 8.78 2.33
CA GLY A 24 -9.70 8.11 2.87
C GLY A 24 -9.36 6.77 3.47
N LYS A 25 -9.64 6.60 4.76
CA LYS A 25 -9.37 5.35 5.45
C LYS A 25 -9.72 4.15 4.57
N LEU A 26 -10.94 4.15 4.05
CA LEU A 26 -11.40 3.07 3.19
C LEU A 26 -10.47 2.89 1.99
N ARG A 27 -10.46 3.90 1.11
CA ARG A 27 -9.62 3.86 -0.08
C ARG A 27 -8.32 3.10 0.20
N LEU A 28 -7.78 3.28 1.40
CA LEU A 28 -6.54 2.62 1.79
C LEU A 28 -6.75 1.13 1.96
N LEU A 29 -7.61 0.75 2.91
CA LEU A 29 -7.91 -0.65 3.17
C LEU A 29 -8.11 -1.42 1.87
N VAL A 30 -9.12 -1.00 1.09
CA VAL A 30 -9.43 -1.64 -0.17
C VAL A 30 -8.17 -1.78 -1.04
N HIS A 31 -7.31 -0.78 -0.97
CA HIS A 31 -6.07 -0.78 -1.75
C HIS A 31 -5.06 -1.76 -1.15
N GLN A 32 -5.07 -1.87 0.17
CA GLN A 32 -4.15 -2.77 0.86
C GLN A 32 -4.49 -4.22 0.57
N ARG A 33 -5.70 -4.45 0.06
CA ARG A 33 -6.14 -5.80 -0.26
C ARG A 33 -5.45 -6.31 -1.53
N MET A 34 -5.16 -5.41 -2.45
CA MET A 34 -4.50 -5.76 -3.70
C MET A 34 -3.19 -6.49 -3.43
N HIS A 35 -2.62 -6.26 -2.24
CA HIS A 35 -1.37 -6.91 -1.86
C HIS A 35 -1.62 -8.30 -1.30
N THR A 36 -2.60 -9.00 -1.87
CA THR A 36 -2.94 -10.35 -1.44
C THR A 36 -2.60 -11.37 -2.52
N ARG A 37 -2.75 -12.65 -2.18
CA ARG A 37 -2.46 -13.73 -3.11
C ARG A 37 -3.67 -14.61 -3.32
N GLU A 38 -3.74 -15.27 -4.47
CA GLU A 38 -4.86 -16.15 -4.79
C GLU A 38 -4.40 -17.61 -4.84
N LYS A 39 -3.24 -17.84 -5.45
CA LYS A 39 -2.70 -19.19 -5.57
C LYS A 39 -1.27 -19.24 -5.06
N PRO A 40 -0.93 -20.33 -4.34
CA PRO A 40 0.40 -20.53 -3.79
C PRO A 40 1.46 -20.79 -4.87
N SER A 41 1.99 -19.72 -5.43
CA SER A 41 3.01 -19.84 -6.48
C SER A 41 4.19 -18.91 -6.19
N GLY A 42 5.37 -19.32 -6.64
CA GLY A 42 6.56 -18.52 -6.44
C GLY A 42 7.01 -18.53 -4.99
N PRO A 43 7.53 -19.67 -4.53
CA PRO A 43 8.01 -19.83 -3.15
C PRO A 43 9.29 -19.03 -2.89
N SER A 44 10.24 -19.14 -3.80
CA SER A 44 11.51 -18.44 -3.67
C SER A 44 12.25 -18.36 -5.01
N SER A 45 13.11 -17.36 -5.15
CA SER A 45 13.87 -17.18 -6.38
C SER A 45 13.00 -17.45 -7.61
N GLY A 46 11.76 -16.96 -7.56
CA GLY A 46 10.85 -17.16 -8.67
C GLY A 46 10.29 -15.85 -9.21
N GLY A 1 19.08 16.25 -5.11
CA GLY A 1 19.50 17.42 -5.88
C GLY A 1 18.34 18.25 -6.36
N SER A 2 17.30 17.59 -6.85
CA SER A 2 16.12 18.27 -7.36
C SER A 2 15.39 19.01 -6.24
N SER A 3 14.65 20.05 -6.60
CA SER A 3 13.92 20.84 -5.62
C SER A 3 13.32 19.94 -4.53
N GLY A 4 13.91 20.02 -3.34
CA GLY A 4 13.43 19.20 -2.23
C GLY A 4 12.36 19.92 -1.41
N SER A 5 11.21 20.18 -2.02
CA SER A 5 10.13 20.87 -1.34
C SER A 5 9.80 20.19 -0.02
N SER A 6 9.81 20.97 1.06
CA SER A 6 9.53 20.44 2.38
C SER A 6 8.34 19.49 2.36
N GLY A 7 7.29 19.90 1.65
CA GLY A 7 6.10 19.07 1.54
C GLY A 7 5.23 19.45 0.36
N ALA A 8 4.51 18.47 -0.19
CA ALA A 8 3.64 18.71 -1.33
C ALA A 8 2.18 18.45 -0.97
N GLY A 9 1.89 17.22 -0.56
CA GLY A 9 0.52 16.87 -0.19
C GLY A 9 0.47 15.73 0.81
N VAL A 10 0.10 16.05 2.05
CA VAL A 10 0.01 15.06 3.11
C VAL A 10 -1.34 14.34 3.08
N ASN A 11 -1.33 13.06 3.43
CA ASN A 11 -2.56 12.27 3.45
C ASN A 11 -2.76 11.61 4.81
N PRO A 12 -4.03 11.55 5.26
CA PRO A 12 -4.37 10.94 6.54
C PRO A 12 -4.20 9.43 6.53
N TYR A 13 -4.00 8.86 5.35
CA TYR A 13 -3.82 7.43 5.21
C TYR A 13 -2.79 7.10 4.14
N LYS A 14 -1.68 6.48 4.54
CA LYS A 14 -0.62 6.12 3.62
C LYS A 14 -0.39 4.61 3.62
N CYS A 15 -0.60 3.99 2.45
CA CYS A 15 -0.41 2.56 2.31
C CYS A 15 0.93 2.12 2.90
N SER A 16 0.87 1.23 3.88
CA SER A 16 2.09 0.72 4.52
C SER A 16 2.85 -0.21 3.59
N GLN A 17 2.11 -0.91 2.73
CA GLN A 17 2.73 -1.84 1.79
C GLN A 17 3.67 -1.10 0.84
N CYS A 18 3.12 -0.19 0.04
CA CYS A 18 3.90 0.57 -0.91
C CYS A 18 3.86 2.06 -0.59
N GLU A 19 4.46 2.87 -1.45
CA GLU A 19 4.48 4.32 -1.24
C GLU A 19 3.19 4.96 -1.72
N LYS A 20 2.08 4.29 -1.47
CA LYS A 20 0.77 4.79 -1.87
C LYS A 20 0.08 5.50 -0.71
N SER A 21 -0.89 6.35 -1.04
CA SER A 21 -1.62 7.10 -0.01
C SER A 21 -2.98 7.54 -0.54
N PHE A 22 -3.91 7.81 0.38
CA PHE A 22 -5.25 8.24 0.00
C PHE A 22 -5.83 9.17 1.06
N SER A 23 -6.74 10.05 0.63
CA SER A 23 -7.37 11.01 1.53
C SER A 23 -8.43 10.32 2.39
N GLY A 24 -8.90 9.16 1.93
CA GLY A 24 -9.91 8.43 2.67
C GLY A 24 -9.37 7.14 3.26
N LYS A 25 -9.84 6.81 4.47
CA LYS A 25 -9.40 5.60 5.15
C LYS A 25 -9.73 4.36 4.32
N LEU A 26 -11.00 4.22 3.93
CA LEU A 26 -11.44 3.09 3.13
C LEU A 26 -10.52 2.88 1.94
N ARG A 27 -10.49 3.86 1.03
CA ARG A 27 -9.66 3.78 -0.16
C ARG A 27 -8.37 3.02 0.13
N LEU A 28 -7.72 3.36 1.24
CA LEU A 28 -6.47 2.71 1.63
C LEU A 28 -6.69 1.21 1.84
N LEU A 29 -7.53 0.88 2.80
CA LEU A 29 -7.82 -0.52 3.11
C LEU A 29 -8.05 -1.32 1.82
N VAL A 30 -9.08 -0.95 1.07
CA VAL A 30 -9.40 -1.63 -0.17
C VAL A 30 -8.17 -1.75 -1.07
N HIS A 31 -7.28 -0.76 -0.97
CA HIS A 31 -6.06 -0.77 -1.76
C HIS A 31 -5.01 -1.68 -1.16
N GLN A 32 -5.05 -1.82 0.16
CA GLN A 32 -4.10 -2.67 0.88
C GLN A 32 -4.40 -4.14 0.64
N ARG A 33 -5.63 -4.44 0.26
CA ARG A 33 -6.04 -5.82 0.00
C ARG A 33 -5.25 -6.41 -1.17
N MET A 34 -4.92 -5.55 -2.13
CA MET A 34 -4.16 -6.00 -3.30
C MET A 34 -2.87 -6.67 -2.89
N HIS A 35 -2.25 -6.16 -1.81
CA HIS A 35 -1.00 -6.72 -1.31
C HIS A 35 -1.25 -7.97 -0.48
N THR A 36 -2.11 -8.85 -0.98
CA THR A 36 -2.45 -10.08 -0.28
C THR A 36 -1.93 -11.30 -1.04
N ARG A 37 -2.06 -12.47 -0.42
CA ARG A 37 -1.60 -13.71 -1.04
C ARG A 37 -2.74 -14.42 -1.76
N GLU A 38 -2.97 -14.05 -3.02
CA GLU A 38 -4.03 -14.65 -3.81
C GLU A 38 -3.46 -15.57 -4.89
N LYS A 39 -2.38 -15.13 -5.51
CA LYS A 39 -1.73 -15.92 -6.55
C LYS A 39 -0.34 -16.39 -6.11
N PRO A 40 -0.08 -17.69 -6.28
CA PRO A 40 1.20 -18.30 -5.91
C PRO A 40 2.35 -17.84 -6.81
N SER A 41 3.55 -17.77 -6.24
CA SER A 41 4.72 -17.35 -6.99
C SER A 41 4.90 -18.20 -8.24
N GLY A 42 5.05 -19.50 -8.05
CA GLY A 42 5.23 -20.40 -9.18
C GLY A 42 6.51 -21.20 -9.09
N PRO A 43 6.47 -22.46 -9.54
CA PRO A 43 7.63 -23.36 -9.51
C PRO A 43 8.71 -22.93 -10.50
N SER A 44 8.35 -22.02 -11.41
CA SER A 44 9.29 -21.53 -12.41
C SER A 44 10.70 -21.48 -11.86
N SER A 45 10.89 -20.72 -10.79
CA SER A 45 12.21 -20.58 -10.17
C SER A 45 12.65 -21.90 -9.55
N GLY A 46 13.50 -22.63 -10.28
CA GLY A 46 14.00 -23.89 -9.79
C GLY A 46 13.82 -25.01 -10.80
N GLY A 1 10.28 -1.88 -6.98
CA GLY A 1 10.03 -1.60 -5.59
C GLY A 1 11.04 -0.63 -4.99
N SER A 2 10.98 0.62 -5.42
CA SER A 2 11.90 1.64 -4.94
C SER A 2 11.28 2.43 -3.78
N SER A 3 10.62 1.71 -2.88
CA SER A 3 9.98 2.34 -1.72
C SER A 3 11.02 2.79 -0.70
N GLY A 4 10.79 3.95 -0.11
CA GLY A 4 11.71 4.49 0.88
C GLY A 4 12.18 5.89 0.55
N SER A 5 11.27 6.85 0.66
CA SER A 5 11.60 8.24 0.38
C SER A 5 10.63 9.19 1.10
N SER A 6 11.08 10.42 1.31
CA SER A 6 10.27 11.41 2.00
C SER A 6 8.91 11.56 1.31
N GLY A 7 7.85 11.47 2.12
CA GLY A 7 6.50 11.59 1.57
C GLY A 7 6.13 13.03 1.26
N ALA A 8 5.73 13.28 0.02
CA ALA A 8 5.35 14.62 -0.40
C ALA A 8 3.83 14.80 -0.36
N GLY A 9 3.40 15.98 0.08
CA GLY A 9 1.97 16.25 0.16
C GLY A 9 1.34 15.68 1.42
N VAL A 10 0.20 16.24 1.81
CA VAL A 10 -0.50 15.78 3.00
C VAL A 10 -1.41 14.60 2.69
N ASN A 11 -1.41 13.61 3.56
CA ASN A 11 -2.24 12.42 3.38
C ASN A 11 -2.63 11.81 4.72
N PRO A 12 -3.94 11.74 4.99
CA PRO A 12 -4.47 11.17 6.22
C PRO A 12 -4.27 9.66 6.31
N TYR A 13 -4.12 9.02 5.16
CA TYR A 13 -3.92 7.58 5.11
C TYR A 13 -2.84 7.22 4.09
N LYS A 14 -1.87 6.43 4.53
CA LYS A 14 -0.77 6.01 3.66
C LYS A 14 -0.61 4.49 3.69
N CYS A 15 -0.57 3.88 2.52
CA CYS A 15 -0.42 2.43 2.40
C CYS A 15 0.91 1.98 3.01
N SER A 16 0.83 1.11 4.01
CA SER A 16 2.02 0.60 4.68
C SER A 16 2.80 -0.33 3.76
N GLN A 17 2.10 -0.99 2.86
CA GLN A 17 2.72 -1.92 1.92
C GLN A 17 3.67 -1.18 0.99
N CYS A 18 3.12 -0.28 0.18
CA CYS A 18 3.93 0.49 -0.76
C CYS A 18 3.90 1.98 -0.40
N GLU A 19 4.49 2.80 -1.26
CA GLU A 19 4.55 4.24 -1.04
C GLU A 19 3.25 4.90 -1.51
N LYS A 20 2.15 4.15 -1.46
CA LYS A 20 0.87 4.67 -1.88
C LYS A 20 0.16 5.40 -0.74
N SER A 21 -0.83 6.21 -1.07
CA SER A 21 -1.57 6.96 -0.07
C SER A 21 -2.94 7.39 -0.61
N PHE A 22 -3.83 7.78 0.30
CA PHE A 22 -5.17 8.20 -0.09
C PHE A 22 -5.77 9.11 0.98
N SER A 23 -6.74 9.93 0.57
CA SER A 23 -7.40 10.86 1.48
C SER A 23 -8.65 10.22 2.09
N GLY A 24 -8.62 8.91 2.26
CA GLY A 24 -9.76 8.21 2.83
C GLY A 24 -9.37 6.87 3.42
N LYS A 25 -9.66 6.70 4.71
CA LYS A 25 -9.35 5.45 5.40
C LYS A 25 -9.71 4.25 4.55
N LEU A 26 -10.95 4.22 4.08
CA LEU A 26 -11.41 3.12 3.23
C LEU A 26 -10.50 2.91 2.04
N ARG A 27 -10.50 3.87 1.12
CA ARG A 27 -9.66 3.79 -0.07
C ARG A 27 -8.38 3.02 0.22
N LEU A 28 -7.75 3.34 1.34
CA LEU A 28 -6.51 2.68 1.74
C LEU A 28 -6.72 1.18 1.92
N LEU A 29 -7.45 0.81 2.96
CA LEU A 29 -7.72 -0.59 3.24
C LEU A 29 -7.94 -1.38 1.95
N VAL A 30 -8.98 -1.02 1.22
CA VAL A 30 -9.30 -1.69 -0.04
C VAL A 30 -8.07 -1.79 -0.93
N HIS A 31 -7.26 -0.74 -0.93
CA HIS A 31 -6.04 -0.71 -1.74
C HIS A 31 -4.99 -1.66 -1.17
N GLN A 32 -4.99 -1.82 0.15
CA GLN A 32 -4.04 -2.70 0.82
C GLN A 32 -4.34 -4.16 0.49
N ARG A 33 -5.56 -4.44 0.06
CA ARG A 33 -5.97 -5.79 -0.27
C ARG A 33 -5.33 -6.24 -1.59
N MET A 34 -5.14 -5.29 -2.50
CA MET A 34 -4.55 -5.59 -3.80
C MET A 34 -3.19 -6.28 -3.63
N HIS A 35 -2.60 -6.14 -2.44
CA HIS A 35 -1.32 -6.75 -2.15
C HIS A 35 -1.49 -8.17 -1.61
N THR A 36 -2.43 -8.91 -2.21
CA THR A 36 -2.70 -10.28 -1.79
C THR A 36 -2.13 -11.29 -2.78
N ARG A 37 -1.72 -12.45 -2.27
CA ARG A 37 -1.16 -13.50 -3.12
C ARG A 37 -1.91 -14.81 -2.92
N GLU A 38 -2.16 -15.51 -4.03
CA GLU A 38 -2.88 -16.78 -3.98
C GLU A 38 -1.95 -17.94 -4.35
N LYS A 39 -1.22 -18.44 -3.36
CA LYS A 39 -0.29 -19.54 -3.57
C LYS A 39 -0.65 -20.73 -2.68
N PRO A 40 -0.52 -21.94 -3.22
CA PRO A 40 -0.81 -23.18 -2.50
C PRO A 40 0.20 -23.46 -1.39
N SER A 41 -0.26 -24.06 -0.30
CA SER A 41 0.61 -24.38 0.82
C SER A 41 0.51 -25.87 1.18
N GLY A 42 1.57 -26.61 0.88
CA GLY A 42 1.58 -28.03 1.17
C GLY A 42 2.58 -28.39 2.26
N PRO A 43 2.45 -29.60 2.81
CA PRO A 43 3.33 -30.08 3.87
C PRO A 43 4.75 -30.37 3.37
N SER A 44 4.93 -30.23 2.06
CA SER A 44 6.24 -30.47 1.45
C SER A 44 7.06 -29.20 1.38
N SER A 45 7.92 -29.01 2.39
CA SER A 45 8.76 -27.82 2.45
C SER A 45 9.36 -27.50 1.08
N GLY A 46 9.37 -26.21 0.74
CA GLY A 46 9.91 -25.79 -0.54
C GLY A 46 11.42 -25.89 -0.59
#